data_3HFG
#
_entry.id   3HFG
#
_cell.length_a   56.438
_cell.length_b   152.670
_cell.length_c   74.203
_cell.angle_alpha   90.000
_cell.angle_beta   92.410
_cell.angle_gamma   90.000
#
_symmetry.space_group_name_H-M   'P 1 21 1'
#
loop_
_entity.id
_entity.type
_entity.pdbx_description
1 polymer 'Corticosteroid 11-beta-dehydrogenase isozyme 1'
2 non-polymer (2R)-4-[4-fluoro-2-(trifluoromethyl)phenyl]-2-methyl-1-{[3-(1H-1,2,4-triazol-1-yl)phenyl]sulfonyl}piperazine
3 non-polymer 'NADP NICOTINAMIDE-ADENINE-DINUCLEOTIDE PHOSPHATE'
4 water water
#
_entity_poly.entity_id   1
_entity_poly.type   'polypeptide(L)'
_entity_poly.pdbx_seq_one_letter_code
;MKHQHQHQHQHQHQQPLNEEFRPEMLQGKKVIVTGASKGIGREMAYHLAKMGAHVVVTARSKETLQKVVSHCLELGAASA
HYIAGTMEDMTFAEQFVAQAGKLMGGLDMLILNHITNTSLNLFHDDIHHVRKSMEVNFLSYVVLTVAALPMLKQSNGSIV
VVSSLAGKVAYPMVAAYSASKFALDGFFSSIRKEYSVSRVNVSITLCVLGLIDTETAMKAVSGIVHMQAAPKEECALEII
KGGALRQEEVYYDSSLWTTLLIRNPSRKILEFLYSTSYNMDRFINK
;
_entity_poly.pdbx_strand_id   A,B,C,D
#
# COMPACT_ATOMS: atom_id res chain seq x y z
N GLU A 20 -14.58 -23.24 7.68
CA GLU A 20 -13.99 -24.53 7.94
C GLU A 20 -14.05 -24.89 9.42
N PHE A 21 -14.17 -23.87 10.29
CA PHE A 21 -14.11 -24.12 11.72
C PHE A 21 -15.33 -24.83 12.30
N ARG A 22 -15.07 -25.68 13.28
CA ARG A 22 -16.12 -26.41 13.99
C ARG A 22 -15.59 -26.79 15.37
N PRO A 23 -16.37 -26.47 16.42
CA PRO A 23 -15.94 -26.62 17.81
C PRO A 23 -15.33 -27.99 18.13
N GLU A 24 -15.69 -29.01 17.36
CA GLU A 24 -15.19 -30.36 17.61
C GLU A 24 -13.68 -30.45 17.33
N MET A 25 -13.10 -29.34 16.87
CA MET A 25 -11.67 -29.28 16.57
C MET A 25 -10.84 -29.26 17.85
N LEU A 26 -11.43 -28.75 18.92
CA LEU A 26 -10.73 -28.65 20.21
C LEU A 26 -11.04 -29.83 21.11
N GLN A 27 -12.02 -30.64 20.71
CA GLN A 27 -12.43 -31.81 21.47
C GLN A 27 -11.22 -32.66 21.89
N GLY A 28 -10.90 -32.63 23.17
CA GLY A 28 -9.80 -33.42 23.69
C GLY A 28 -8.45 -32.82 23.35
N LYS A 29 -8.44 -31.52 23.08
CA LYS A 29 -7.19 -30.81 22.85
C LYS A 29 -6.66 -30.22 24.16
N LYS A 30 -5.39 -30.49 24.44
CA LYS A 30 -4.77 -29.98 25.64
C LYS A 30 -4.35 -28.52 25.42
N VAL A 31 -4.99 -27.62 26.15
CA VAL A 31 -4.83 -26.19 25.92
C VAL A 31 -4.46 -25.45 27.19
N ILE A 32 -3.47 -24.55 27.07
CA ILE A 32 -3.14 -23.61 28.13
C ILE A 32 -3.66 -22.23 27.74
N VAL A 33 -4.32 -21.56 28.68
CA VAL A 33 -4.74 -20.18 28.50
C VAL A 33 -4.16 -19.35 29.63
N THR A 34 -3.38 -18.32 29.32
CA THR A 34 -2.83 -17.49 30.38
C THR A 34 -3.68 -16.24 30.59
N GLY A 35 -3.49 -15.57 31.72
CA GLY A 35 -4.37 -14.48 32.12
C GLY A 35 -5.83 -14.87 31.97
N ALA A 36 -6.19 -16.05 32.49
CA ALA A 36 -7.55 -16.56 32.29
C ALA A 36 -8.48 -16.34 33.48
N SER A 37 -8.07 -15.50 34.43
CA SER A 37 -8.90 -15.26 35.60
C SER A 37 -9.99 -14.22 35.34
N LYS A 38 -9.78 -13.40 34.31
CA LYS A 38 -10.70 -12.31 33.99
C LYS A 38 -10.81 -12.09 32.47
N GLY A 39 -11.52 -11.02 32.09
CA GLY A 39 -11.60 -10.59 30.71
C GLY A 39 -11.63 -11.69 29.67
N ILE A 40 -10.83 -11.50 28.62
CA ILE A 40 -10.85 -12.39 27.46
C ILE A 40 -10.28 -13.76 27.76
N GLY A 41 -9.28 -13.81 28.64
CA GLY A 41 -8.74 -15.09 29.07
C GLY A 41 -9.84 -15.96 29.66
N ARG A 42 -10.60 -15.38 30.58
CA ARG A 42 -11.75 -16.04 31.20
C ARG A 42 -12.72 -16.55 30.13
N GLU A 43 -13.02 -15.69 29.17
CA GLU A 43 -13.97 -16.03 28.10
C GLU A 43 -13.47 -17.16 27.21
N MET A 44 -12.17 -17.20 26.93
CA MET A 44 -11.62 -18.28 26.12
C MET A 44 -11.70 -19.63 26.82
N ALA A 45 -11.36 -19.66 28.11
CA ALA A 45 -11.49 -20.88 28.90
C ALA A 45 -12.91 -21.44 28.78
N TYR A 46 -13.90 -20.57 28.94
CA TYR A 46 -15.30 -20.98 28.86
C TYR A 46 -15.66 -21.54 27.48
N HIS A 47 -15.19 -20.89 26.42
CA HIS A 47 -15.41 -21.38 25.06
C HIS A 47 -14.78 -22.75 24.87
N LEU A 48 -13.53 -22.88 25.30
CA LEU A 48 -12.80 -24.14 25.21
C LEU A 48 -13.50 -25.23 26.03
N ALA A 49 -14.18 -24.81 27.08
CA ALA A 49 -14.82 -25.75 28.00
C ALA A 49 -16.16 -26.27 27.46
N LYS A 50 -16.77 -25.52 26.55
CA LYS A 50 -17.99 -25.98 25.89
C LYS A 50 -17.64 -26.93 24.76
N MET A 51 -16.42 -26.81 24.24
CA MET A 51 -15.96 -27.65 23.14
C MET A 51 -15.30 -28.91 23.67
N GLY A 52 -15.30 -29.06 25.00
CA GLY A 52 -14.77 -30.24 25.63
C GLY A 52 -13.27 -30.36 25.47
N ALA A 53 -12.58 -29.23 25.52
CA ALA A 53 -11.12 -29.25 25.49
C ALA A 53 -10.61 -29.64 26.86
N HIS A 54 -9.36 -30.10 26.92
CA HIS A 54 -8.66 -30.20 28.18
C HIS A 54 -8.06 -28.82 28.41
N VAL A 55 -8.29 -28.25 29.59
CA VAL A 55 -7.88 -26.86 29.82
C VAL A 55 -7.12 -26.67 31.13
N VAL A 56 -6.02 -25.93 31.05
CA VAL A 56 -5.27 -25.51 32.24
C VAL A 56 -5.06 -23.99 32.22
N VAL A 57 -5.58 -23.32 33.24
CA VAL A 57 -5.63 -21.88 33.26
C VAL A 57 -4.65 -21.31 34.26
N THR A 58 -4.39 -20.00 34.18
CA THR A 58 -3.46 -19.39 35.11
C THR A 58 -3.54 -17.86 35.21
N ALA A 59 -2.99 -17.35 36.30
CA ALA A 59 -3.07 -15.95 36.66
C ALA A 59 -2.51 -15.90 38.07
N ARG A 60 -2.69 -14.77 38.74
CA ARG A 60 -2.17 -14.64 40.09
C ARG A 60 -3.20 -15.02 41.15
N SER A 61 -4.47 -14.78 40.86
CA SER A 61 -5.53 -14.99 41.82
C SER A 61 -6.12 -16.40 41.78
N LYS A 62 -5.89 -17.15 42.85
CA LYS A 62 -6.44 -18.49 42.97
C LYS A 62 -7.92 -18.42 43.29
N GLU A 63 -8.31 -17.44 44.10
CA GLU A 63 -9.71 -17.26 44.45
C GLU A 63 -10.59 -17.19 43.20
N THR A 64 -10.20 -16.37 42.24
CA THR A 64 -10.97 -16.22 41.02
C THR A 64 -10.70 -17.39 40.07
N LEU A 65 -9.47 -17.90 40.08
CA LEU A 65 -9.13 -19.02 39.20
C LEU A 65 -9.93 -20.27 39.56
N GLN A 66 -10.34 -20.36 40.82
CA GLN A 66 -11.13 -21.49 41.29
C GLN A 66 -12.53 -21.38 40.71
N LYS A 67 -13.10 -20.18 40.80
CA LYS A 67 -14.40 -19.89 40.21
C LYS A 67 -14.41 -20.23 38.73
N VAL A 68 -13.32 -19.91 38.03
CA VAL A 68 -13.22 -20.19 36.61
C VAL A 68 -13.12 -21.68 36.34
N VAL A 69 -12.38 -22.39 37.19
CA VAL A 69 -12.16 -23.83 37.00
C VAL A 69 -13.44 -24.65 37.21
N SER A 70 -14.25 -24.28 38.18
CA SER A 70 -15.51 -24.99 38.42
C SER A 70 -16.46 -24.75 37.26
N HIS A 71 -16.62 -23.50 36.88
CA HIS A 71 -17.52 -23.14 35.78
C HIS A 71 -17.15 -23.88 34.50
N CYS A 72 -15.85 -24.04 34.24
CA CYS A 72 -15.39 -24.76 33.05
C CYS A 72 -15.87 -26.20 33.02
N LEU A 73 -15.93 -26.83 34.18
CA LEU A 73 -16.37 -28.22 34.28
C LEU A 73 -17.88 -28.35 34.09
N GLU A 74 -18.63 -27.44 34.69
CA GLU A 74 -20.07 -27.35 34.45
C GLU A 74 -20.37 -27.20 32.96
N LEU A 75 -19.48 -26.51 32.25
CA LEU A 75 -19.68 -26.22 30.83
C LEU A 75 -19.36 -27.40 29.92
N GLY A 76 -18.64 -28.39 30.45
CA GLY A 76 -18.32 -29.58 29.69
C GLY A 76 -16.86 -29.72 29.32
N ALA A 77 -15.98 -29.17 30.16
CA ALA A 77 -14.55 -29.29 29.93
C ALA A 77 -14.08 -30.72 30.17
N ALA A 78 -13.29 -31.26 29.25
CA ALA A 78 -12.74 -32.61 29.43
C ALA A 78 -12.02 -32.69 30.77
N SER A 79 -11.42 -31.58 31.16
CA SER A 79 -10.78 -31.43 32.47
C SER A 79 -10.38 -29.96 32.61
N ALA A 80 -10.21 -29.49 33.85
CA ALA A 80 -10.00 -28.08 34.09
C ALA A 80 -9.30 -27.86 35.43
N HIS A 81 -8.10 -27.27 35.36
CA HIS A 81 -7.31 -27.03 36.57
C HIS A 81 -6.59 -25.70 36.45
N TYR A 82 -6.24 -25.11 37.59
CA TYR A 82 -5.47 -23.87 37.60
C TYR A 82 -4.16 -24.04 38.34
N ILE A 83 -3.18 -23.23 37.98
CA ILE A 83 -1.92 -23.15 38.69
C ILE A 83 -1.65 -21.66 38.84
N ALA A 84 -1.40 -21.21 40.06
CA ALA A 84 -1.38 -19.78 40.35
C ALA A 84 0.01 -19.25 40.54
N GLY A 85 0.30 -18.12 39.88
CA GLY A 85 1.57 -17.44 40.00
C GLY A 85 1.62 -16.15 39.22
N THR A 86 2.67 -15.37 39.45
CA THR A 86 2.90 -14.15 38.71
C THR A 86 3.89 -14.39 37.58
N MET A 87 3.52 -13.98 36.37
CA MET A 87 4.40 -14.14 35.23
C MET A 87 5.58 -13.18 35.27
N GLU A 88 5.67 -12.38 36.33
CA GLU A 88 6.84 -11.57 36.56
C GLU A 88 8.00 -12.48 36.88
N ASP A 89 7.65 -13.72 37.22
CA ASP A 89 8.60 -14.72 37.67
C ASP A 89 8.86 -15.68 36.54
N MET A 90 10.01 -15.54 35.87
CA MET A 90 10.33 -16.39 34.73
C MET A 90 10.54 -17.84 35.16
N THR A 91 10.87 -18.04 36.43
CA THR A 91 11.00 -19.39 36.97
C THR A 91 9.63 -20.06 37.07
N PHE A 92 8.68 -19.39 37.71
CA PHE A 92 7.31 -19.89 37.72
C PHE A 92 6.79 -20.20 36.32
N ALA A 93 7.06 -19.30 35.38
CA ALA A 93 6.57 -19.45 34.03
C ALA A 93 7.13 -20.70 33.37
N GLU A 94 8.42 -20.95 33.57
CA GLU A 94 9.07 -22.14 33.01
C GLU A 94 8.52 -23.44 33.62
N GLN A 95 8.19 -23.39 34.91
CA GLN A 95 7.72 -24.59 35.59
C GLN A 95 6.23 -24.80 35.36
N PHE A 96 5.47 -23.72 35.32
CA PHE A 96 4.04 -23.81 35.06
C PHE A 96 3.75 -24.63 33.80
N VAL A 97 4.63 -24.54 32.82
CA VAL A 97 4.37 -25.22 31.55
C VAL A 97 4.69 -26.70 31.60
N ALA A 98 5.77 -27.06 32.30
CA ALA A 98 6.06 -28.45 32.56
C ALA A 98 4.90 -29.06 33.35
N GLN A 99 4.63 -28.46 34.50
CA GLN A 99 3.59 -28.93 35.40
C GLN A 99 2.24 -29.06 34.71
N ALA A 100 1.90 -28.09 33.86
CA ALA A 100 0.62 -28.12 33.16
C ALA A 100 0.58 -29.18 32.06
N GLY A 101 1.70 -29.38 31.38
CA GLY A 101 1.78 -30.39 30.34
C GLY A 101 1.78 -31.80 30.89
N LYS A 102 2.49 -31.98 32.01
CA LYS A 102 2.55 -33.26 32.70
C LYS A 102 1.16 -33.67 33.19
N LEU A 103 0.43 -32.70 33.71
CA LEU A 103 -0.94 -32.95 34.19
C LEU A 103 -1.88 -33.36 33.07
N MET A 104 -1.73 -32.77 31.89
CA MET A 104 -2.61 -33.05 30.76
C MET A 104 -2.05 -34.14 29.83
N GLY A 105 -0.88 -34.67 30.15
CA GLY A 105 -0.25 -35.66 29.30
C GLY A 105 0.08 -35.12 27.92
N GLY A 106 0.35 -33.81 27.85
CA GLY A 106 0.69 -33.17 26.59
C GLY A 106 0.09 -31.80 26.39
N LEU A 107 0.46 -31.14 25.30
CA LEU A 107 -0.04 -29.81 24.97
C LEU A 107 -0.27 -29.68 23.47
N ASP A 108 -1.41 -29.10 23.10
CA ASP A 108 -1.76 -28.94 21.70
C ASP A 108 -1.83 -27.46 21.30
N MET A 109 -2.17 -26.60 22.26
CA MET A 109 -2.30 -25.18 21.99
C MET A 109 -1.90 -24.33 23.19
N LEU A 110 -1.13 -23.28 22.92
CA LEU A 110 -0.66 -22.37 23.98
C LEU A 110 -1.18 -20.95 23.72
N ILE A 111 -2.16 -20.52 24.52
CA ILE A 111 -2.76 -19.21 24.33
C ILE A 111 -2.19 -18.14 25.25
N LEU A 112 -1.31 -17.30 24.69
CA LEU A 112 -0.65 -16.28 25.49
C LEU A 112 -1.49 -15.01 25.51
N ASN A 113 -1.98 -14.63 26.69
CA ASN A 113 -3.04 -13.64 26.77
C ASN A 113 -2.93 -12.65 27.94
N HIS A 114 -1.99 -12.90 28.86
CA HIS A 114 -1.88 -12.08 30.06
C HIS A 114 -1.02 -10.84 29.83
N ILE A 115 -1.33 -9.74 30.52
CA ILE A 115 -0.52 -8.53 30.49
C ILE A 115 -0.38 -7.92 31.88
N THR A 116 0.69 -7.18 32.12
CA THR A 116 0.87 -6.51 33.40
C THR A 116 -0.14 -5.38 33.51
N ASN A 117 -0.63 -5.12 34.72
CA ASN A 117 -1.67 -4.12 34.88
C ASN A 117 -1.26 -2.78 34.23
N THR A 118 -2.08 -2.30 33.30
CA THR A 118 -1.79 -1.08 32.58
C THR A 118 -2.94 -0.09 32.66
N SER A 119 -2.60 1.19 32.75
CA SER A 119 -3.58 2.25 32.68
C SER A 119 -3.23 3.21 31.54
N LEU A 120 -4.16 4.10 31.20
CA LEU A 120 -3.96 5.02 30.09
C LEU A 120 -3.30 6.30 30.57
N ASN A 121 -2.01 6.46 30.27
CA ASN A 121 -1.24 7.58 30.80
C ASN A 121 -0.12 8.04 29.87
N LEU A 122 0.15 9.34 29.88
CA LEU A 122 1.28 9.89 29.16
C LEU A 122 2.55 9.38 29.81
N PHE A 123 3.58 9.12 29.02
CA PHE A 123 4.87 8.73 29.56
C PHE A 123 5.40 9.84 30.46
N HIS A 124 5.84 9.47 31.66
CA HIS A 124 6.35 10.43 32.62
C HIS A 124 7.65 9.95 33.25
N ASP A 125 8.50 9.34 32.43
CA ASP A 125 9.81 8.84 32.87
C ASP A 125 9.70 7.59 33.75
N ASP A 126 8.53 6.97 33.74
CA ASP A 126 8.30 5.75 34.50
C ASP A 126 8.92 4.54 33.82
N ILE A 127 10.25 4.46 33.85
CA ILE A 127 10.97 3.38 33.20
C ILE A 127 10.66 2.03 33.84
N HIS A 128 10.44 2.03 35.15
CA HIS A 128 10.09 0.80 35.83
C HIS A 128 8.88 0.16 35.15
N HIS A 129 7.93 0.99 34.73
CA HIS A 129 6.73 0.49 34.10
C HIS A 129 7.01 -0.07 32.70
N VAL A 130 7.85 0.62 31.95
CA VAL A 130 8.29 0.14 30.65
C VAL A 130 8.99 -1.22 30.80
N ARG A 131 9.94 -1.29 31.73
CA ARG A 131 10.67 -2.52 31.94
C ARG A 131 9.72 -3.65 32.31
N LYS A 132 8.81 -3.34 33.25
CA LYS A 132 7.84 -4.31 33.72
C LYS A 132 6.95 -4.82 32.58
N SER A 133 6.51 -3.90 31.73
CA SER A 133 5.65 -4.23 30.60
C SER A 133 6.35 -5.15 29.62
N MET A 134 7.62 -4.85 29.33
CA MET A 134 8.40 -5.72 28.46
C MET A 134 8.57 -7.09 29.10
N GLU A 135 8.93 -7.10 30.39
CA GLU A 135 9.13 -8.34 31.14
C GLU A 135 7.90 -9.25 31.14
N VAL A 136 6.74 -8.70 31.51
CA VAL A 136 5.52 -9.49 31.64
C VAL A 136 4.79 -9.70 30.31
N ASN A 137 4.55 -8.62 29.58
CA ASN A 137 3.80 -8.68 28.32
C ASN A 137 4.57 -9.36 27.18
N PHE A 138 5.89 -9.44 27.31
CA PHE A 138 6.70 -9.91 26.20
C PHE A 138 7.71 -11.01 26.54
N LEU A 139 8.65 -10.75 27.44
CA LEU A 139 9.70 -11.74 27.71
C LEU A 139 9.18 -13.04 28.29
N SER A 140 8.13 -12.97 29.09
CA SER A 140 7.52 -14.15 29.67
C SER A 140 6.84 -14.96 28.58
N TYR A 141 6.28 -14.28 27.59
CA TYR A 141 5.69 -14.96 26.45
C TYR A 141 6.73 -15.84 25.76
N VAL A 142 7.97 -15.37 25.71
CA VAL A 142 9.04 -16.15 25.08
C VAL A 142 9.47 -17.32 25.97
N VAL A 143 9.57 -17.08 27.27
CA VAL A 143 9.89 -18.16 28.20
C VAL A 143 8.84 -19.25 28.14
N LEU A 144 7.57 -18.86 28.15
CA LEU A 144 6.48 -19.82 28.08
C LEU A 144 6.59 -20.63 26.79
N THR A 145 7.02 -19.96 25.73
CA THR A 145 7.13 -20.59 24.42
C THR A 145 8.27 -21.59 24.37
N VAL A 146 9.46 -21.15 24.78
CA VAL A 146 10.60 -22.05 24.86
C VAL A 146 10.27 -23.33 25.66
N ALA A 147 9.52 -23.16 26.75
CA ALA A 147 9.17 -24.26 27.64
C ALA A 147 8.16 -25.21 27.01
N ALA A 148 7.31 -24.68 26.14
CA ALA A 148 6.20 -25.44 25.59
C ALA A 148 6.53 -26.09 24.26
N LEU A 149 7.56 -25.57 23.60
CA LEU A 149 7.90 -25.97 22.23
C LEU A 149 8.03 -27.48 22.01
N PRO A 150 8.81 -28.18 22.86
CA PRO A 150 8.98 -29.63 22.71
C PRO A 150 7.64 -30.39 22.64
N MET A 151 6.74 -30.09 23.55
CA MET A 151 5.43 -30.73 23.58
C MET A 151 4.62 -30.36 22.33
N LEU A 152 4.85 -29.16 21.82
CA LEU A 152 4.10 -28.67 20.67
C LEU A 152 4.64 -29.23 19.34
N LYS A 153 5.95 -29.41 19.26
CA LYS A 153 6.53 -30.08 18.10
C LYS A 153 5.99 -31.50 18.02
N GLN A 154 5.57 -31.99 19.17
CA GLN A 154 5.15 -33.38 19.34
C GLN A 154 3.66 -33.56 19.03
N SER A 155 2.90 -32.48 19.15
CA SER A 155 1.46 -32.53 18.91
C SER A 155 1.13 -31.81 17.63
N ASN A 156 2.16 -31.32 16.96
CA ASN A 156 1.99 -30.43 15.81
C ASN A 156 0.89 -29.42 16.07
N GLY A 157 1.03 -28.71 17.20
CA GLY A 157 0.00 -27.82 17.69
C GLY A 157 0.21 -26.36 17.34
N SER A 158 -0.19 -25.48 18.26
CA SER A 158 -0.25 -24.06 17.95
C SER A 158 0.08 -23.15 19.13
N ILE A 159 0.69 -22.02 18.80
CA ILE A 159 0.91 -20.92 19.74
C ILE A 159 0.07 -19.75 19.29
N VAL A 160 -0.74 -19.22 20.20
CA VAL A 160 -1.61 -18.10 19.88
C VAL A 160 -1.27 -16.89 20.75
N VAL A 161 -0.67 -15.88 20.12
CA VAL A 161 -0.24 -14.69 20.83
C VAL A 161 -1.30 -13.61 20.71
N VAL A 162 -1.75 -13.09 21.85
CA VAL A 162 -2.79 -12.08 21.86
C VAL A 162 -2.22 -10.67 21.93
N SER A 163 -2.40 -9.90 20.87
CA SER A 163 -1.87 -8.54 20.79
C SER A 163 -2.96 -7.49 20.58
N SER A 164 -2.60 -6.35 20.01
CA SER A 164 -3.53 -5.23 19.93
C SER A 164 -3.26 -4.30 18.75
N LEU A 165 -4.20 -3.40 18.48
CA LEU A 165 -4.04 -2.37 17.48
C LEU A 165 -2.82 -1.55 17.82
N ALA A 166 -2.68 -1.24 19.10
CA ALA A 166 -1.54 -0.48 19.61
C ALA A 166 -0.25 -1.29 19.48
N GLY A 167 -0.37 -2.49 18.95
CA GLY A 167 0.80 -3.32 18.66
C GLY A 167 1.05 -3.36 17.17
N LYS A 168 0.39 -2.46 16.45
CA LYS A 168 0.45 -2.41 14.99
C LYS A 168 0.58 -0.97 14.50
N VAL A 169 0.10 -0.04 15.31
CA VAL A 169 0.15 1.38 14.98
C VAL A 169 0.38 2.18 16.25
N ALA A 170 0.75 3.45 16.10
CA ALA A 170 1.12 4.27 17.25
C ALA A 170 -0.04 5.09 17.81
N TYR A 171 -0.21 5.04 19.13
CA TYR A 171 -1.15 5.92 19.82
C TYR A 171 -0.46 6.53 21.02
N PRO A 172 -0.96 7.68 21.48
CA PRO A 172 -0.48 8.30 22.72
C PRO A 172 -1.09 7.62 23.94
N MET A 173 -0.47 7.78 25.10
CA MET A 173 -0.99 7.25 26.35
C MET A 173 -0.72 5.76 26.56
N VAL A 174 -0.11 5.10 25.58
CA VAL A 174 0.19 3.67 25.69
C VAL A 174 1.58 3.28 25.18
N ALA A 175 2.58 4.13 25.45
CA ALA A 175 3.93 3.87 24.95
C ALA A 175 4.48 2.50 25.38
N ALA A 176 4.66 2.30 26.69
CA ALA A 176 5.20 1.04 27.20
C ALA A 176 4.35 -0.17 26.78
N TYR A 177 3.04 -0.05 26.92
CA TYR A 177 2.13 -1.10 26.45
C TYR A 177 2.38 -1.39 24.97
N SER A 178 2.66 -0.33 24.22
CA SER A 178 2.84 -0.41 22.77
C SER A 178 4.15 -1.08 22.36
N ALA A 179 5.25 -0.69 23.00
CA ALA A 179 6.55 -1.31 22.76
C ALA A 179 6.51 -2.82 22.97
N SER A 180 5.83 -3.26 24.02
CA SER A 180 5.78 -4.69 24.33
C SER A 180 4.95 -5.46 23.29
N LYS A 181 3.83 -4.87 22.88
CA LYS A 181 2.99 -5.50 21.86
C LYS A 181 3.67 -5.51 20.48
N PHE A 182 4.43 -4.47 20.18
CA PHE A 182 5.24 -4.44 18.96
C PHE A 182 6.32 -5.52 19.05
N ALA A 183 6.91 -5.65 20.22
CA ALA A 183 7.94 -6.65 20.44
C ALA A 183 7.46 -8.04 20.10
N LEU A 184 6.21 -8.34 20.46
CA LEU A 184 5.63 -9.67 20.21
C LEU A 184 5.56 -9.98 18.72
N ASP A 185 5.12 -9.00 17.94
CA ASP A 185 4.97 -9.14 16.50
C ASP A 185 6.31 -9.46 15.85
N GLY A 186 7.30 -8.60 16.11
CA GLY A 186 8.63 -8.79 15.57
C GLY A 186 9.29 -10.11 15.97
N PHE A 187 9.06 -10.55 17.20
CA PHE A 187 9.64 -11.82 17.63
C PHE A 187 8.90 -13.01 17.05
N PHE A 188 7.60 -13.08 17.31
CA PHE A 188 6.82 -14.24 16.87
C PHE A 188 6.63 -14.34 15.36
N SER A 189 6.61 -13.21 14.67
CA SER A 189 6.53 -13.23 13.21
C SER A 189 7.86 -13.72 12.62
N SER A 190 8.97 -13.33 13.23
CA SER A 190 10.28 -13.79 12.80
C SER A 190 10.47 -15.27 13.06
N ILE A 191 10.06 -15.74 14.23
CA ILE A 191 10.18 -17.18 14.50
C ILE A 191 9.21 -17.99 13.64
N ARG A 192 8.09 -17.38 13.26
CA ARG A 192 7.14 -18.08 12.39
C ARG A 192 7.83 -18.41 11.09
N LYS A 193 8.56 -17.45 10.55
CA LYS A 193 9.33 -17.65 9.34
C LYS A 193 10.46 -18.64 9.57
N GLU A 194 11.04 -18.62 10.77
CA GLU A 194 12.05 -19.61 11.15
C GLU A 194 11.48 -21.05 11.16
N TYR A 195 10.22 -21.20 11.57
CA TYR A 195 9.62 -22.53 11.65
C TYR A 195 9.21 -23.05 10.28
N SER A 196 9.13 -22.15 9.30
CA SER A 196 8.81 -22.55 7.93
C SER A 196 10.00 -23.20 7.25
N VAL A 197 11.20 -22.74 7.57
CA VAL A 197 12.40 -23.27 6.95
C VAL A 197 13.07 -24.35 7.80
N SER A 198 12.59 -24.51 9.03
CA SER A 198 13.07 -25.58 9.90
C SER A 198 12.10 -26.76 9.84
N ARG A 199 11.02 -26.57 9.09
CA ARG A 199 9.95 -27.57 8.98
C ARG A 199 9.32 -27.94 10.33
N VAL A 200 9.58 -27.15 11.36
CA VAL A 200 8.86 -27.27 12.62
C VAL A 200 7.39 -27.02 12.36
N ASN A 201 6.53 -27.94 12.77
CA ASN A 201 5.11 -27.87 12.41
C ASN A 201 4.21 -27.33 13.53
N VAL A 202 4.45 -26.09 13.93
CA VAL A 202 3.63 -25.46 14.95
C VAL A 202 3.23 -24.06 14.49
N SER A 203 1.94 -23.79 14.45
CA SER A 203 1.44 -22.54 13.92
C SER A 203 1.57 -21.41 14.92
N ILE A 204 1.77 -20.20 14.41
CA ILE A 204 1.81 -19.01 15.25
C ILE A 204 0.74 -18.02 14.79
N THR A 205 -0.16 -17.68 15.70
CA THR A 205 -1.26 -16.79 15.40
C THR A 205 -1.10 -15.55 16.23
N LEU A 206 -0.84 -14.43 15.57
CA LEU A 206 -0.84 -13.14 16.23
C LEU A 206 -2.25 -12.57 16.12
N CYS A 207 -2.83 -12.20 17.25
CA CYS A 207 -4.19 -11.68 17.26
C CYS A 207 -4.16 -10.20 17.54
N VAL A 208 -4.60 -9.41 16.57
CA VAL A 208 -4.65 -7.97 16.70
C VAL A 208 -6.08 -7.55 17.04
N LEU A 209 -6.29 -7.14 18.29
CA LEU A 209 -7.63 -6.81 18.77
C LEU A 209 -7.76 -5.33 19.04
N GLY A 210 -8.87 -4.75 18.61
CA GLY A 210 -9.19 -3.39 18.99
C GLY A 210 -9.76 -3.36 20.39
N LEU A 211 -10.46 -2.29 20.73
CA LEU A 211 -11.10 -2.18 22.04
C LEU A 211 -12.10 -3.33 22.28
N ILE A 212 -11.88 -4.09 23.34
CA ILE A 212 -12.81 -5.13 23.75
C ILE A 212 -13.40 -4.78 25.11
N ASP A 213 -14.67 -5.12 25.32
CA ASP A 213 -15.39 -4.62 26.50
C ASP A 213 -15.14 -5.39 27.80
N THR A 214 -13.88 -5.71 28.07
CA THR A 214 -13.52 -6.32 29.34
C THR A 214 -13.56 -5.25 30.42
N GLU A 215 -13.75 -5.65 31.67
CA GLU A 215 -13.87 -4.68 32.74
C GLU A 215 -12.63 -3.81 32.88
N THR A 216 -11.47 -4.42 32.71
CA THR A 216 -10.21 -3.68 32.84
C THR A 216 -10.03 -2.67 31.72
N ALA A 217 -10.46 -3.03 30.52
CA ALA A 217 -10.40 -2.12 29.38
C ALA A 217 -11.32 -0.92 29.60
N MET A 218 -12.57 -1.21 29.98
CA MET A 218 -13.60 -0.19 30.07
C MET A 218 -13.45 0.77 31.25
N LYS A 219 -12.61 0.43 32.21
CA LYS A 219 -12.32 1.35 33.31
C LYS A 219 -11.08 2.18 32.99
N ALA A 220 -10.33 1.73 31.98
CA ALA A 220 -9.09 2.40 31.62
C ALA A 220 -9.32 3.51 30.59
N VAL A 221 -10.33 3.33 29.74
CA VAL A 221 -10.62 4.29 28.69
C VAL A 221 -11.82 5.20 28.97
N SER A 222 -12.97 4.59 29.28
CA SER A 222 -14.24 5.31 29.44
C SER A 222 -14.13 6.66 30.16
N GLY A 223 -13.13 6.80 31.02
CA GLY A 223 -12.85 8.07 31.65
C GLY A 223 -12.58 9.14 30.60
N ILE A 224 -11.48 8.99 29.87
CA ILE A 224 -11.18 9.89 28.77
C ILE A 224 -12.08 9.58 27.57
N VAL A 225 -11.63 9.92 26.37
CA VAL A 225 -12.41 9.65 25.17
C VAL A 225 -12.54 8.15 24.93
N HIS A 226 -13.69 7.72 24.41
CA HIS A 226 -13.94 6.30 24.21
C HIS A 226 -14.45 5.94 22.81
N MET A 227 -14.62 4.64 22.58
CA MET A 227 -14.94 4.10 21.26
C MET A 227 -16.09 3.09 21.38
N GLN A 228 -16.37 2.36 20.31
CA GLN A 228 -17.36 1.29 20.34
C GLN A 228 -16.67 -0.05 20.62
N ALA A 229 -16.95 -0.62 21.79
CA ALA A 229 -16.22 -1.78 22.28
C ALA A 229 -16.83 -3.10 21.84
N ALA A 230 -16.04 -3.94 21.17
CA ALA A 230 -16.51 -5.25 20.74
C ALA A 230 -16.77 -6.15 21.95
N PRO A 231 -17.57 -7.20 21.77
CA PRO A 231 -17.94 -8.11 22.87
C PRO A 231 -16.84 -9.10 23.21
N LYS A 232 -16.46 -9.18 24.48
CA LYS A 232 -15.35 -10.03 24.89
C LYS A 232 -15.60 -11.51 24.62
N GLU A 233 -16.85 -11.92 24.69
CA GLU A 233 -17.20 -13.31 24.44
C GLU A 233 -16.88 -13.73 23.01
N GLU A 234 -17.40 -13.00 22.02
CA GLU A 234 -17.12 -13.30 20.61
C GLU A 234 -15.64 -13.17 20.28
N CYS A 235 -15.03 -12.14 20.84
CA CYS A 235 -13.59 -11.91 20.66
C CYS A 235 -12.81 -13.16 20.99
N ALA A 236 -13.10 -13.74 22.15
CA ALA A 236 -12.46 -14.99 22.57
C ALA A 236 -12.61 -16.09 21.53
N LEU A 237 -13.83 -16.26 21.02
CA LEU A 237 -14.08 -17.34 20.07
C LEU A 237 -13.30 -17.11 18.79
N GLU A 238 -13.17 -15.84 18.40
CA GLU A 238 -12.41 -15.51 17.20
C GLU A 238 -10.93 -15.82 17.42
N ILE A 239 -10.42 -15.48 18.59
CA ILE A 239 -9.06 -15.85 18.93
C ILE A 239 -8.90 -17.37 18.82
N ILE A 240 -9.82 -18.12 19.44
CA ILE A 240 -9.75 -19.58 19.44
C ILE A 240 -9.85 -20.19 18.04
N LYS A 241 -10.82 -19.74 17.25
CA LYS A 241 -10.97 -20.22 15.87
C LYS A 241 -9.72 -19.94 15.05
N GLY A 242 -9.25 -18.70 15.09
CA GLY A 242 -8.05 -18.31 14.38
C GLY A 242 -6.91 -19.29 14.61
N GLY A 243 -6.62 -19.56 15.88
CA GLY A 243 -5.58 -20.51 16.23
C GLY A 243 -5.89 -21.91 15.74
N ALA A 244 -7.16 -22.32 15.87
CA ALA A 244 -7.56 -23.66 15.46
C ALA A 244 -7.30 -23.89 13.98
N LEU A 245 -7.50 -22.84 13.18
CA LEU A 245 -7.33 -22.93 11.73
C LEU A 245 -5.88 -22.61 11.35
N ARG A 246 -5.05 -22.37 12.35
CA ARG A 246 -3.61 -22.14 12.18
C ARG A 246 -3.28 -20.92 11.30
N GLN A 247 -4.15 -19.92 11.33
CA GLN A 247 -3.91 -18.67 10.61
C GLN A 247 -2.70 -17.93 11.15
N GLU A 248 -2.17 -17.00 10.38
CA GLU A 248 -1.03 -16.20 10.80
C GLU A 248 -1.45 -15.04 11.70
N GLU A 249 -2.37 -14.22 11.21
CA GLU A 249 -2.91 -13.12 12.02
C GLU A 249 -4.42 -13.27 12.19
N VAL A 250 -4.97 -12.55 13.17
CA VAL A 250 -6.39 -12.53 13.43
C VAL A 250 -6.80 -11.16 13.91
N TYR A 251 -7.61 -10.45 13.14
CA TYR A 251 -8.03 -9.11 13.55
C TYR A 251 -9.45 -9.16 14.07
N TYR A 252 -9.68 -8.49 15.18
CA TYR A 252 -11.04 -8.41 15.70
C TYR A 252 -11.32 -7.05 16.29
N ASP A 253 -12.19 -6.32 15.61
CA ASP A 253 -12.60 -4.99 16.05
C ASP A 253 -14.06 -4.74 15.65
N SER A 254 -14.71 -3.82 16.37
CA SER A 254 -16.08 -3.43 16.07
C SER A 254 -16.26 -3.10 14.58
N SER A 255 -15.47 -2.14 14.12
CA SER A 255 -15.54 -1.68 12.73
C SER A 255 -14.98 -2.67 11.72
N LEU A 256 -15.64 -2.80 10.57
CA LEU A 256 -15.09 -3.56 9.44
C LEU A 256 -14.04 -2.71 8.75
N TRP A 257 -14.14 -1.39 8.94
CA TRP A 257 -13.22 -0.44 8.34
C TRP A 257 -11.85 -0.51 9.04
N THR A 258 -11.81 -1.17 10.18
CA THR A 258 -10.56 -1.37 10.89
C THR A 258 -9.87 -2.61 10.34
N THR A 259 -10.54 -3.75 10.46
CA THR A 259 -10.02 -5.00 9.95
C THR A 259 -9.31 -4.81 8.62
N LEU A 260 -9.94 -4.08 7.71
CA LEU A 260 -9.40 -3.88 6.36
C LEU A 260 -8.04 -3.17 6.36
N LEU A 261 -7.91 -2.17 7.23
CA LEU A 261 -6.69 -1.36 7.30
C LEU A 261 -5.54 -2.07 8.02
N ILE A 262 -5.88 -2.93 8.97
CA ILE A 262 -4.85 -3.59 9.77
C ILE A 262 -3.94 -4.45 8.91
N ARG A 263 -4.49 -5.09 7.88
CA ARG A 263 -3.69 -5.86 6.95
C ARG A 263 -2.62 -4.98 6.29
N ASN A 264 -1.41 -5.52 6.14
CA ASN A 264 -0.30 -4.76 5.55
C ASN A 264 0.38 -5.52 4.42
N PRO A 265 -0.01 -5.22 3.16
CA PRO A 265 0.40 -5.95 1.96
C PRO A 265 1.84 -5.68 1.52
N SER A 266 2.34 -4.49 1.80
CA SER A 266 3.71 -4.15 1.44
C SER A 266 4.68 -5.04 2.23
N ARG A 267 4.49 -5.08 3.54
CA ARG A 267 5.27 -5.94 4.43
C ARG A 267 5.44 -7.34 3.88
N LYS A 268 4.33 -7.99 3.53
CA LYS A 268 4.37 -9.34 2.96
C LYS A 268 5.31 -9.39 1.76
N ILE A 269 5.28 -8.33 0.96
CA ILE A 269 6.08 -8.26 -0.27
C ILE A 269 7.57 -8.13 0.04
N LEU A 270 7.90 -7.28 1.00
CA LEU A 270 9.29 -7.16 1.48
C LEU A 270 9.76 -8.45 2.13
N GLU A 271 8.90 -9.06 2.94
CA GLU A 271 9.25 -10.29 3.61
C GLU A 271 9.65 -11.36 2.62
N PHE A 272 8.90 -11.47 1.53
CA PHE A 272 9.22 -12.44 0.48
C PHE A 272 10.45 -12.01 -0.30
N LEU A 273 10.55 -10.71 -0.57
CA LEU A 273 11.57 -10.17 -1.45
C LEU A 273 12.98 -10.48 -0.96
N TYR A 274 13.19 -10.37 0.34
CA TYR A 274 14.50 -10.65 0.92
C TYR A 274 14.53 -11.99 1.67
N SER A 275 13.50 -12.79 1.44
CA SER A 275 13.46 -14.15 1.96
C SER A 275 14.24 -15.09 1.05
N THR A 276 14.19 -14.81 -0.25
CA THR A 276 14.91 -15.60 -1.25
C THR A 276 16.25 -16.09 -0.69
N SER A 277 16.85 -15.26 0.15
CA SER A 277 18.08 -15.62 0.86
C SER A 277 17.78 -16.51 2.05
N PRO B 16 8.40 19.51 11.07
CA PRO B 16 8.90 19.06 9.77
C PRO B 16 9.39 20.21 8.90
N LEU B 17 10.69 20.40 8.85
CA LEU B 17 11.30 21.49 8.08
C LEU B 17 11.07 21.36 6.57
N ASN B 18 10.35 22.31 6.01
CA ASN B 18 10.09 22.34 4.56
C ASN B 18 11.25 23.01 3.84
N GLU B 19 12.36 22.27 3.71
CA GLU B 19 13.63 22.88 3.28
C GLU B 19 14.64 21.84 2.81
N GLU B 20 15.49 22.22 1.87
CA GLU B 20 16.56 21.33 1.43
C GLU B 20 17.70 21.40 2.44
N PHE B 21 18.36 20.27 2.68
CA PHE B 21 19.38 20.19 3.72
C PHE B 21 20.63 21.02 3.41
N ARG B 22 21.21 21.57 4.48
CA ARG B 22 22.46 22.31 4.38
C ARG B 22 23.36 21.95 5.56
N PRO B 23 24.55 21.42 5.27
CA PRO B 23 25.53 21.03 6.28
C PRO B 23 25.60 22.04 7.44
N GLU B 24 25.47 23.32 7.12
CA GLU B 24 25.59 24.38 8.12
C GLU B 24 24.58 24.23 9.26
N MET B 25 23.50 23.50 9.01
CA MET B 25 22.47 23.27 10.02
C MET B 25 23.04 22.64 11.28
N LEU B 26 24.25 22.09 11.18
CA LEU B 26 24.84 21.37 12.28
C LEU B 26 26.05 22.09 12.86
N GLN B 27 26.38 23.23 12.28
CA GLN B 27 27.46 24.06 12.79
C GLN B 27 27.16 24.48 14.22
N GLY B 28 27.99 24.02 15.14
CA GLY B 28 27.79 24.34 16.55
C GLY B 28 26.59 23.66 17.20
N LYS B 29 25.98 22.70 16.51
CA LYS B 29 24.94 21.90 17.15
C LYS B 29 25.58 20.90 18.12
N LYS B 30 25.01 20.77 19.31
CA LYS B 30 25.56 19.87 20.32
C LYS B 30 24.91 18.50 20.21
N VAL B 31 25.72 17.50 19.82
CA VAL B 31 25.20 16.20 19.45
C VAL B 31 25.84 15.04 20.20
N ILE B 32 25.00 14.10 20.63
CA ILE B 32 25.48 12.83 21.18
C ILE B 32 25.34 11.75 20.12
N VAL B 33 26.33 10.88 20.03
CA VAL B 33 26.23 9.71 19.17
C VAL B 33 26.61 8.48 19.98
N THR B 34 25.66 7.56 20.15
CA THR B 34 25.95 6.31 20.84
C THR B 34 26.40 5.27 19.82
N GLY B 35 27.09 4.25 20.30
CA GLY B 35 27.63 3.22 19.43
C GLY B 35 28.46 3.83 18.31
N ALA B 36 29.35 4.74 18.67
CA ALA B 36 30.14 5.47 17.69
C ALA B 36 31.62 5.09 17.71
N SER B 37 31.93 3.88 18.17
CA SER B 37 33.32 3.40 18.16
C SER B 37 33.67 2.68 16.87
N LYS B 38 32.65 2.31 16.09
CA LYS B 38 32.86 1.68 14.79
C LYS B 38 31.62 1.81 13.91
N GLY B 39 31.58 1.02 12.85
CA GLY B 39 30.44 1.01 11.94
C GLY B 39 29.88 2.38 11.62
N ILE B 40 28.55 2.46 11.55
CA ILE B 40 27.85 3.67 11.13
C ILE B 40 27.95 4.79 12.15
N GLY B 41 28.09 4.43 13.42
CA GLY B 41 28.18 5.41 14.48
C GLY B 41 29.46 6.22 14.35
N ARG B 42 30.50 5.55 13.89
CA ARG B 42 31.78 6.19 13.62
C ARG B 42 31.58 7.18 12.46
N GLU B 43 30.89 6.72 11.43
CA GLU B 43 30.63 7.53 10.25
C GLU B 43 29.84 8.81 10.56
N MET B 44 28.83 8.69 11.39
CA MET B 44 28.01 9.84 11.73
C MET B 44 28.83 10.87 12.48
N ALA B 45 29.83 10.41 13.22
CA ALA B 45 30.68 11.30 14.00
C ALA B 45 31.55 12.15 13.10
N TYR B 46 32.16 11.51 12.10
CA TYR B 46 33.00 12.22 11.16
C TYR B 46 32.21 13.30 10.44
N HIS B 47 31.10 12.90 9.83
CA HIS B 47 30.22 13.86 9.16
C HIS B 47 29.91 15.04 10.09
N LEU B 48 29.56 14.75 11.33
CA LEU B 48 29.25 15.80 12.31
C LEU B 48 30.47 16.67 12.59
N ALA B 49 31.65 16.07 12.55
CA ALA B 49 32.88 16.79 12.78
C ALA B 49 33.07 17.82 11.67
N LYS B 50 33.03 17.36 10.42
CA LYS B 50 33.19 18.23 9.25
C LYS B 50 32.23 19.42 9.27
N MET B 51 31.06 19.23 9.86
CA MET B 51 30.07 20.31 9.92
C MET B 51 30.26 21.17 11.16
N GLY B 52 31.42 21.03 11.78
CA GLY B 52 31.82 21.87 12.89
C GLY B 52 30.97 21.72 14.14
N ALA B 53 30.27 20.60 14.24
CA ALA B 53 29.40 20.35 15.40
C ALA B 53 30.21 20.00 16.64
N HIS B 54 29.61 20.22 17.80
CA HIS B 54 30.12 19.67 19.04
C HIS B 54 29.64 18.23 19.16
N VAL B 55 30.57 17.28 19.24
CA VAL B 55 30.18 15.88 19.34
C VAL B 55 30.67 15.23 20.63
N VAL B 56 29.82 14.38 21.20
CA VAL B 56 30.23 13.47 22.26
C VAL B 56 29.91 12.06 21.80
N VAL B 57 30.92 11.22 21.70
CA VAL B 57 30.72 9.84 21.28
C VAL B 57 30.88 8.88 22.45
N THR B 58 30.25 7.72 22.37
CA THR B 58 30.30 6.73 23.42
C THR B 58 30.25 5.29 22.90
N ALA B 59 30.66 4.37 23.75
CA ALA B 59 30.78 2.97 23.41
C ALA B 59 31.53 2.33 24.55
N ARG B 60 31.85 1.04 24.44
CA ARG B 60 32.50 0.34 25.54
C ARG B 60 34.02 0.44 25.51
N SER B 61 34.58 0.45 24.30
CA SER B 61 36.03 0.48 24.14
C SER B 61 36.59 1.90 24.17
N LYS B 62 37.38 2.20 25.19
CA LYS B 62 38.01 3.51 25.34
C LYS B 62 39.08 3.73 24.27
N GLU B 63 39.73 2.65 23.85
CA GLU B 63 40.78 2.71 22.84
C GLU B 63 40.26 3.26 21.51
N THR B 64 39.44 2.48 20.83
CA THR B 64 38.90 2.87 19.53
C THR B 64 38.17 4.22 19.58
N LEU B 65 37.56 4.53 20.72
CA LEU B 65 36.88 5.81 20.88
C LEU B 65 37.85 6.99 20.75
N GLN B 66 39.01 6.87 21.40
CA GLN B 66 40.06 7.88 21.29
C GLN B 66 40.47 8.07 19.83
N LYS B 67 40.78 6.95 19.17
CA LYS B 67 41.10 6.97 17.75
C LYS B 67 40.07 7.79 16.98
N VAL B 68 38.81 7.63 17.35
CA VAL B 68 37.71 8.34 16.70
C VAL B 68 37.71 9.81 17.05
N VAL B 69 37.77 10.12 18.34
CA VAL B 69 37.84 11.51 18.79
C VAL B 69 39.00 12.21 18.09
N SER B 70 40.19 11.62 18.18
CA SER B 70 41.37 12.16 17.52
C SER B 70 41.03 12.67 16.13
N HIS B 71 40.25 11.90 15.40
CA HIS B 71 39.98 12.20 14.00
C HIS B 71 38.89 13.23 13.80
N CYS B 72 37.92 13.27 14.72
CA CYS B 72 36.85 14.25 14.65
C CYS B 72 37.41 15.67 14.79
N LEU B 73 38.33 15.84 15.74
CA LEU B 73 38.99 17.12 15.95
C LEU B 73 39.61 17.64 14.65
N GLU B 74 40.41 16.78 14.03
CA GLU B 74 41.18 17.15 12.83
C GLU B 74 40.31 17.30 11.58
N LEU B 75 39.06 16.85 11.67
CA LEU B 75 38.12 17.06 10.56
C LEU B 75 37.42 18.40 10.69
N GLY B 76 37.33 18.91 11.93
CA GLY B 76 36.84 20.27 12.12
C GLY B 76 35.80 20.45 13.21
N ALA B 77 35.64 19.44 14.07
CA ALA B 77 34.66 19.52 15.15
C ALA B 77 34.89 20.76 16.01
N ALA B 78 33.81 21.30 16.55
CA ALA B 78 33.89 22.43 17.46
C ALA B 78 34.43 21.94 18.79
N SER B 79 34.21 20.66 19.05
CA SER B 79 34.79 19.94 20.19
C SER B 79 34.49 18.46 19.97
N ALA B 80 35.17 17.60 20.71
CA ALA B 80 34.95 16.17 20.56
C ALA B 80 35.43 15.40 21.79
N HIS B 81 34.49 14.71 22.43
CA HIS B 81 34.79 13.90 23.61
C HIS B 81 34.27 12.49 23.45
N TYR B 82 34.89 11.57 24.17
CA TYR B 82 34.40 10.21 24.27
C TYR B 82 34.17 9.90 25.74
N ILE B 83 33.21 9.05 26.02
CA ILE B 83 32.97 8.54 27.36
C ILE B 83 32.71 7.05 27.23
N ALA B 84 33.62 6.24 27.76
CA ALA B 84 33.50 4.79 27.64
C ALA B 84 32.55 4.23 28.68
N GLY B 85 31.68 3.33 28.25
CA GLY B 85 30.77 2.67 29.17
C GLY B 85 30.03 1.55 28.48
N THR B 86 29.21 0.83 29.24
CA THR B 86 28.35 -0.19 28.67
C THR B 86 26.89 0.17 28.89
N MET B 87 26.11 0.13 27.81
CA MET B 87 24.71 0.49 27.88
C MET B 87 23.85 -0.58 28.56
N GLU B 88 24.48 -1.71 28.89
CA GLU B 88 23.84 -2.73 29.72
C GLU B 88 23.56 -2.18 31.11
N ASP B 89 24.34 -1.18 31.50
CA ASP B 89 24.26 -0.59 32.84
C ASP B 89 23.40 0.66 32.81
N MET B 90 22.17 0.53 33.29
CA MET B 90 21.19 1.60 33.21
C MET B 90 21.56 2.83 34.05
N THR B 91 22.56 2.67 34.92
CA THR B 91 23.00 3.77 35.77
C THR B 91 24.03 4.58 35.00
N PHE B 92 24.76 3.92 34.11
CA PHE B 92 25.74 4.59 33.27
C PHE B 92 25.07 5.39 32.16
N ALA B 93 23.99 4.86 31.61
CA ALA B 93 23.27 5.54 30.54
C ALA B 93 22.82 6.91 31.02
N GLU B 94 22.19 6.94 32.18
CA GLU B 94 21.72 8.18 32.77
C GLU B 94 22.88 9.15 33.05
N GLN B 95 23.95 8.64 33.66
CA GLN B 95 25.13 9.45 33.98
C GLN B 95 25.75 10.06 32.73
N PHE B 96 26.10 9.19 31.78
CA PHE B 96 26.70 9.61 30.52
C PHE B 96 26.04 10.85 29.92
N VAL B 97 24.72 10.81 29.78
CA VAL B 97 23.98 11.90 29.17
C VAL B 97 24.15 13.22 29.93
N ALA B 98 24.31 13.12 31.25
CA ALA B 98 24.59 14.30 32.06
C ALA B 98 26.05 14.73 31.90
N GLN B 99 26.96 13.76 31.84
CA GLN B 99 28.37 14.08 31.60
C GLN B 99 28.55 14.81 30.28
N ALA B 100 27.88 14.31 29.24
CA ALA B 100 27.99 14.89 27.91
C ALA B 100 27.21 16.21 27.82
N GLY B 101 26.32 16.43 28.78
CA GLY B 101 25.61 17.68 28.88
C GLY B 101 26.56 18.76 29.38
N LYS B 102 27.33 18.40 30.40
CA LYS B 102 28.38 19.27 30.92
C LYS B 102 29.39 19.62 29.85
N LEU B 103 29.84 18.61 29.11
CA LEU B 103 30.92 18.77 28.14
C LEU B 103 30.59 19.71 26.99
N MET B 104 29.31 19.87 26.68
CA MET B 104 28.91 20.70 25.55
C MET B 104 28.10 21.94 25.94
N GLY B 105 27.66 22.00 27.20
CA GLY B 105 26.89 23.14 27.67
C GLY B 105 25.45 23.09 27.23
N GLY B 106 24.99 21.90 26.85
CA GLY B 106 23.61 21.71 26.40
C GLY B 106 23.49 20.50 25.50
N LEU B 107 22.30 20.30 24.95
CA LEU B 107 22.12 19.23 23.96
C LEU B 107 21.04 19.57 22.94
N ASP B 108 21.37 19.37 21.66
CA ASP B 108 20.47 19.67 20.57
C ASP B 108 19.96 18.41 19.89
N MET B 109 20.83 17.41 19.75
CA MET B 109 20.47 16.17 19.06
C MET B 109 20.95 14.93 19.81
N LEU B 110 20.08 13.93 19.89
CA LEU B 110 20.41 12.68 20.55
C LEU B 110 20.30 11.54 19.56
N ILE B 111 21.43 10.99 19.15
CA ILE B 111 21.44 9.90 18.16
C ILE B 111 21.69 8.56 18.82
N LEU B 112 20.62 7.76 18.91
CA LEU B 112 20.69 6.45 19.54
C LEU B 112 20.96 5.41 18.47
N ASN B 113 22.16 4.85 18.51
CA ASN B 113 22.69 4.04 17.42
C ASN B 113 23.13 2.65 17.89
N HIS B 114 23.63 2.56 19.11
CA HIS B 114 24.28 1.35 19.62
C HIS B 114 23.37 0.12 19.66
N ILE B 115 23.95 -1.04 19.40
CA ILE B 115 23.27 -2.31 19.56
C ILE B 115 24.21 -3.34 20.18
N THR B 116 23.65 -4.35 20.81
CA THR B 116 24.44 -5.40 21.43
C THR B 116 24.93 -6.33 20.33
N ASN B 117 25.97 -7.11 20.63
CA ASN B 117 26.54 -8.02 19.64
C ASN B 117 25.55 -9.09 19.19
N THR B 118 25.01 -8.90 18.00
CA THR B 118 24.08 -9.87 17.43
C THR B 118 24.73 -10.60 16.25
N SER B 119 24.23 -11.78 15.94
CA SER B 119 24.67 -12.52 14.77
C SER B 119 23.47 -13.25 14.16
N LEU B 120 23.63 -13.76 12.95
CA LEU B 120 22.57 -14.52 12.31
C LEU B 120 22.52 -15.96 12.80
N ASN B 121 21.43 -16.31 13.47
CA ASN B 121 21.25 -17.64 14.05
C ASN B 121 19.79 -17.94 14.29
N LEU B 122 19.41 -19.20 14.08
CA LEU B 122 18.10 -19.68 14.43
C LEU B 122 17.91 -19.52 15.93
N PHE B 123 16.69 -19.23 16.35
CA PHE B 123 16.40 -19.09 17.76
C PHE B 123 16.04 -20.44 18.37
N HIS B 124 16.75 -20.83 19.42
CA HIS B 124 16.43 -22.07 20.12
C HIS B 124 15.97 -21.83 21.56
N ASP B 125 16.92 -21.47 22.41
CA ASP B 125 16.65 -21.34 23.84
C ASP B 125 17.42 -20.15 24.40
N ASP B 126 17.80 -19.24 23.52
CA ASP B 126 18.66 -18.12 23.88
C ASP B 126 17.88 -16.98 24.53
N ILE B 127 17.39 -17.22 25.73
CA ILE B 127 16.57 -16.26 26.46
C ILE B 127 17.42 -15.18 27.13
N HIS B 128 18.72 -15.46 27.27
CA HIS B 128 19.67 -14.48 27.78
C HIS B 128 19.84 -13.40 26.74
N HIS B 129 20.00 -13.84 25.50
CA HIS B 129 20.22 -12.95 24.38
C HIS B 129 18.99 -12.11 24.05
N VAL B 130 17.80 -12.70 24.22
CA VAL B 130 16.57 -11.95 23.98
C VAL B 130 16.42 -10.80 24.98
N ARG B 131 16.68 -11.09 26.26
CA ARG B 131 16.60 -10.07 27.29
C ARG B 131 17.72 -9.05 27.14
N LYS B 132 18.92 -9.51 26.83
CA LYS B 132 20.05 -8.61 26.64
C LYS B 132 19.72 -7.63 25.51
N SER B 133 19.23 -8.17 24.39
CA SER B 133 18.81 -7.37 23.25
C SER B 133 17.80 -6.28 23.63
N MET B 134 16.75 -6.66 24.33
CA MET B 134 15.77 -5.67 24.76
C MET B 134 16.48 -4.59 25.58
N GLU B 135 17.19 -5.01 26.62
CA GLU B 135 17.86 -4.10 27.53
C GLU B 135 18.77 -3.08 26.83
N VAL B 136 19.62 -3.56 25.92
CA VAL B 136 20.61 -2.68 25.26
C VAL B 136 20.01 -1.93 24.07
N ASN B 137 19.48 -2.68 23.10
CA ASN B 137 18.91 -2.12 21.87
C ASN B 137 17.66 -1.27 22.07
N PHE B 138 16.93 -1.51 23.16
CA PHE B 138 15.68 -0.81 23.36
C PHE B 138 15.57 -0.05 24.69
N LEU B 139 15.71 -0.76 25.80
CA LEU B 139 15.43 -0.15 27.09
C LEU B 139 16.46 0.92 27.46
N SER B 140 17.69 0.78 27.00
CA SER B 140 18.69 1.83 27.24
C SER B 140 18.33 3.10 26.47
N TYR B 141 17.73 2.94 25.29
CA TYR B 141 17.31 4.09 24.50
C TYR B 141 16.33 4.93 25.28
N VAL B 142 15.37 4.27 25.93
CA VAL B 142 14.37 4.97 26.73
C VAL B 142 14.99 5.72 27.91
N VAL B 143 15.93 5.09 28.60
CA VAL B 143 16.62 5.75 29.71
C VAL B 143 17.38 6.99 29.24
N LEU B 144 18.23 6.79 28.23
CA LEU B 144 18.97 7.88 27.61
C LEU B 144 18.03 9.03 27.29
N THR B 145 16.93 8.68 26.64
CA THR B 145 15.93 9.65 26.23
C THR B 145 15.37 10.44 27.42
N VAL B 146 15.02 9.74 28.49
CA VAL B 146 14.49 10.38 29.69
C VAL B 146 15.50 11.38 30.27
N ALA B 147 16.78 11.04 30.14
CA ALA B 147 17.85 11.86 30.67
C ALA B 147 18.17 13.06 29.78
N ALA B 148 18.01 12.89 28.47
CA ALA B 148 18.34 13.92 27.49
C ALA B 148 17.21 14.94 27.33
N LEU B 149 16.00 14.52 27.67
CA LEU B 149 14.81 15.30 27.34
C LEU B 149 14.76 16.72 27.89
N PRO B 150 15.03 16.88 29.20
CA PRO B 150 15.04 18.23 29.77
C PRO B 150 15.89 19.21 28.95
N MET B 151 17.06 18.75 28.48
CA MET B 151 17.99 19.57 27.72
C MET B 151 17.57 19.75 26.28
N LEU B 152 16.95 18.72 25.71
CA LEU B 152 16.48 18.80 24.33
C LEU B 152 15.29 19.76 24.22
N LYS B 153 14.42 19.74 25.22
CA LYS B 153 13.27 20.64 25.25
C LYS B 153 13.72 22.09 25.22
N GLN B 154 14.85 22.37 25.87
CA GLN B 154 15.40 23.71 25.94
C GLN B 154 15.94 24.19 24.58
N SER B 155 16.49 23.26 23.82
CA SER B 155 17.11 23.58 22.54
C SER B 155 16.19 23.18 21.38
N ASN B 156 14.96 22.84 21.71
CA ASN B 156 14.01 22.34 20.73
C ASN B 156 14.71 21.38 19.78
N GLY B 157 15.43 20.43 20.37
CA GLY B 157 16.31 19.56 19.62
C GLY B 157 15.65 18.32 19.03
N SER B 158 16.46 17.31 18.74
CA SER B 158 15.98 16.14 18.02
C SER B 158 16.46 14.83 18.63
N ILE B 159 15.59 13.82 18.57
CA ILE B 159 15.97 12.45 18.92
C ILE B 159 16.05 11.62 17.65
N VAL B 160 17.21 11.05 17.39
CA VAL B 160 17.37 10.13 16.27
C VAL B 160 17.55 8.70 16.77
N VAL B 161 16.66 7.81 16.31
CA VAL B 161 16.69 6.41 16.68
C VAL B 161 16.96 5.59 15.43
N VAL B 162 18.07 4.86 15.44
CA VAL B 162 18.46 4.06 14.28
C VAL B 162 17.87 2.68 14.37
N SER B 163 17.11 2.30 13.35
CA SER B 163 16.43 1.01 13.31
C SER B 163 16.76 0.27 12.02
N SER B 164 15.85 -0.59 11.57
CA SER B 164 16.18 -1.55 10.53
C SER B 164 14.95 -2.11 9.80
N LEU B 165 15.18 -2.70 8.64
CA LEU B 165 14.10 -3.40 7.94
C LEU B 165 13.50 -4.48 8.85
N ALA B 166 14.36 -5.14 9.62
CA ALA B 166 13.93 -6.19 10.54
C ALA B 166 13.03 -5.64 11.65
N GLY B 167 12.97 -4.31 11.76
CA GLY B 167 12.10 -3.67 12.73
C GLY B 167 10.82 -3.18 12.09
N LYS B 168 10.60 -3.57 10.84
CA LYS B 168 9.39 -3.21 10.12
C LYS B 168 8.73 -4.43 9.53
N VAL B 169 9.55 -5.41 9.13
CA VAL B 169 9.00 -6.66 8.63
C VAL B 169 9.75 -7.86 9.21
N ALA B 170 9.18 -9.05 9.08
CA ALA B 170 9.71 -10.23 9.75
C ALA B 170 10.67 -11.03 8.89
N TYR B 171 11.93 -11.09 9.32
CA TYR B 171 12.90 -12.00 8.73
C TYR B 171 13.34 -13.03 9.78
N PRO B 172 13.80 -14.21 9.33
CA PRO B 172 14.28 -15.27 10.22
C PRO B 172 15.74 -15.05 10.62
N MET B 173 16.15 -15.63 11.74
CA MET B 173 17.54 -15.58 12.21
C MET B 173 17.95 -14.24 12.84
N VAL B 174 16.97 -13.37 13.06
CA VAL B 174 17.21 -12.11 13.73
C VAL B 174 16.06 -11.80 14.69
N ALA B 175 15.42 -12.85 15.19
CA ALA B 175 14.22 -12.71 16.01
C ALA B 175 14.42 -11.81 17.24
N ALA B 176 15.46 -12.09 18.01
CA ALA B 176 15.76 -11.30 19.19
C ALA B 176 16.00 -9.84 18.81
N TYR B 177 16.81 -9.66 17.78
CA TYR B 177 17.15 -8.34 17.27
C TYR B 177 15.91 -7.62 16.77
N SER B 178 15.18 -8.29 15.89
CA SER B 178 13.94 -7.75 15.32
C SER B 178 12.92 -7.37 16.39
N ALA B 179 12.83 -8.15 17.46
CA ALA B 179 11.92 -7.84 18.57
C ALA B 179 12.22 -6.48 19.23
N SER B 180 13.51 -6.19 19.44
CA SER B 180 13.90 -4.92 20.05
C SER B 180 13.65 -3.74 19.10
N LYS B 181 13.96 -3.92 17.83
CA LYS B 181 13.73 -2.88 16.84
C LYS B 181 12.24 -2.58 16.64
N PHE B 182 11.40 -3.63 16.65
CA PHE B 182 9.95 -3.44 16.65
C PHE B 182 9.55 -2.63 17.88
N ALA B 183 10.14 -2.97 19.03
CA ALA B 183 9.82 -2.29 20.28
C ALA B 183 10.16 -0.79 20.20
N LEU B 184 11.26 -0.46 19.53
CA LEU B 184 11.65 0.92 19.32
C LEU B 184 10.57 1.66 18.54
N ASP B 185 10.15 1.08 17.44
CA ASP B 185 9.11 1.66 16.61
C ASP B 185 7.89 2.02 17.46
N GLY B 186 7.31 1.01 18.12
CA GLY B 186 6.11 1.20 18.92
C GLY B 186 6.22 2.24 20.00
N PHE B 187 7.33 2.23 20.72
CA PHE B 187 7.51 3.17 21.82
C PHE B 187 7.68 4.61 21.34
N PHE B 188 8.67 4.84 20.49
CA PHE B 188 8.98 6.20 20.06
C PHE B 188 7.89 6.81 19.18
N SER B 189 7.24 5.97 18.37
CA SER B 189 6.11 6.44 17.58
C SER B 189 5.01 6.94 18.52
N SER B 190 4.77 6.18 19.59
CA SER B 190 3.74 6.57 20.57
C SER B 190 4.14 7.82 21.32
N ILE B 191 5.42 7.95 21.60
CA ILE B 191 5.94 9.15 22.24
C ILE B 191 5.80 10.35 21.31
N ARG B 192 6.11 10.15 20.04
CA ARG B 192 5.95 11.22 19.07
C ARG B 192 4.52 11.75 19.12
N LYS B 193 3.54 10.85 19.04
CA LYS B 193 2.15 11.23 19.17
C LYS B 193 1.91 12.02 20.45
N GLU B 194 2.56 11.62 21.53
CA GLU B 194 2.41 12.31 22.80
C GLU B 194 3.02 13.71 22.79
N TYR B 195 4.15 13.86 22.12
CA TYR B 195 4.77 15.17 22.03
C TYR B 195 3.90 16.14 21.22
N SER B 196 3.18 15.62 20.24
CA SER B 196 2.22 16.43 19.49
C SER B 196 1.09 16.95 20.39
N VAL B 197 0.39 16.03 21.07
CA VAL B 197 -0.69 16.42 21.97
C VAL B 197 -0.17 17.30 23.11
N SER B 198 0.93 16.87 23.72
CA SER B 198 1.52 17.56 24.87
C SER B 198 2.17 18.88 24.44
N ARG B 199 2.27 19.07 23.12
CA ARG B 199 2.91 20.26 22.57
C ARG B 199 4.38 20.37 22.90
N VAL B 200 5.04 19.22 23.07
CA VAL B 200 6.48 19.19 23.23
C VAL B 200 7.14 19.35 21.87
N ASN B 201 8.07 20.29 21.77
CA ASN B 201 8.73 20.59 20.50
C ASN B 201 10.10 19.91 20.37
N VAL B 202 10.09 18.58 20.43
CA VAL B 202 11.30 17.79 20.27
C VAL B 202 11.04 16.73 19.21
N SER B 203 11.75 16.84 18.09
CA SER B 203 11.54 15.94 16.96
C SER B 203 11.96 14.51 17.28
N ILE B 204 11.26 13.54 16.68
CA ILE B 204 11.60 12.13 16.83
C ILE B 204 11.69 11.45 15.47
N THR B 205 12.91 11.11 15.07
CA THR B 205 13.17 10.53 13.76
C THR B 205 13.55 9.05 13.86
N LEU B 206 12.76 8.19 13.23
CA LEU B 206 13.06 6.77 13.20
C LEU B 206 13.64 6.36 11.85
N CYS B 207 14.86 5.83 11.87
CA CYS B 207 15.54 5.44 10.65
C CYS B 207 15.44 3.95 10.39
N VAL B 208 14.86 3.58 9.25
CA VAL B 208 14.76 2.17 8.86
C VAL B 208 15.83 1.85 7.84
N LEU B 209 16.94 1.26 8.29
CA LEU B 209 18.08 0.99 7.43
C LEU B 209 18.02 -0.42 6.89
N GLY B 210 18.35 -0.58 5.61
CA GLY B 210 18.54 -1.89 5.02
C GLY B 210 19.96 -2.34 5.31
N LEU B 211 20.42 -3.39 4.64
CA LEU B 211 21.78 -3.86 4.83
C LEU B 211 22.80 -2.75 4.58
N ILE B 212 23.57 -2.42 5.62
CA ILE B 212 24.64 -1.43 5.49
C ILE B 212 25.99 -2.11 5.71
N ASP B 213 26.99 -1.74 4.91
CA ASP B 213 28.25 -2.48 4.86
C ASP B 213 29.22 -2.19 6.01
N THR B 214 28.73 -2.20 7.24
CA THR B 214 29.59 -2.04 8.41
C THR B 214 30.46 -3.27 8.59
N GLU B 215 31.58 -3.11 9.30
CA GLU B 215 32.48 -4.22 9.56
C GLU B 215 31.73 -5.36 10.25
N THR B 216 30.95 -5.03 11.27
CA THR B 216 30.16 -6.01 12.01
C THR B 216 29.11 -6.71 11.14
N ALA B 217 28.36 -5.93 10.37
CA ALA B 217 27.32 -6.47 9.51
C ALA B 217 27.87 -7.47 8.49
N MET B 218 28.91 -7.08 7.77
CA MET B 218 29.45 -7.89 6.69
C MET B 218 30.00 -9.23 7.15
N LYS B 219 30.49 -9.26 8.39
CA LYS B 219 30.98 -10.51 8.97
C LYS B 219 29.83 -11.49 9.19
N ALA B 220 28.75 -10.99 9.78
CA ALA B 220 27.62 -11.82 10.16
C ALA B 220 26.81 -12.31 8.97
N VAL B 221 26.85 -11.57 7.87
CA VAL B 221 26.03 -11.86 6.70
C VAL B 221 26.72 -12.80 5.72
N SER B 222 28.00 -12.55 5.47
CA SER B 222 28.77 -13.31 4.49
C SER B 222 28.56 -14.82 4.60
N GLY B 223 28.05 -15.41 3.53
CA GLY B 223 27.87 -16.86 3.46
C GLY B 223 26.46 -17.32 3.78
N ILE B 224 25.75 -16.55 4.60
CA ILE B 224 24.43 -16.95 5.06
C ILE B 224 23.38 -15.88 4.77
N HIS B 226 23.54 -13.42 1.78
CA HIS B 226 23.81 -13.40 0.35
C HIS B 226 23.01 -12.31 -0.36
N MET B 227 23.27 -11.06 0.01
CA MET B 227 22.56 -9.91 -0.56
C MET B 227 23.51 -8.79 -1.01
N GLN B 228 23.03 -7.55 -0.88
CA GLN B 228 23.77 -6.37 -1.33
C GLN B 228 23.83 -5.29 -0.25
N ALA B 229 25.02 -4.80 0.05
CA ALA B 229 25.19 -3.81 1.11
C ALA B 229 25.32 -2.39 0.59
N ALA B 230 24.73 -1.44 1.32
CA ALA B 230 24.82 -0.02 1.00
C ALA B 230 25.97 0.63 1.77
N PRO B 231 26.57 1.68 1.20
CA PRO B 231 27.73 2.39 1.77
C PRO B 231 27.42 2.99 3.13
N LYS B 232 28.27 2.73 4.12
CA LYS B 232 28.05 3.27 5.46
C LYS B 232 28.15 4.78 5.55
N GLU B 233 28.83 5.41 4.59
CA GLU B 233 29.06 6.85 4.66
C GLU B 233 27.82 7.66 4.27
N GLU B 234 27.26 7.36 3.11
CA GLU B 234 26.01 8.01 2.68
C GLU B 234 24.95 7.70 3.72
N CYS B 235 24.98 6.48 4.23
CA CYS B 235 24.04 6.03 5.25
C CYS B 235 24.11 6.93 6.50
N ALA B 236 25.32 7.16 6.99
CA ALA B 236 25.49 8.04 8.12
C ALA B 236 24.99 9.44 7.83
N LEU B 237 25.20 9.92 6.61
CA LEU B 237 24.75 11.26 6.25
C LEU B 237 23.21 11.31 6.26
N GLU B 238 22.57 10.40 5.54
CA GLU B 238 21.11 10.35 5.46
C GLU B 238 20.44 10.41 6.84
N ILE B 239 20.93 9.61 7.78
CA ILE B 239 20.44 9.65 9.15
C ILE B 239 20.51 11.08 9.71
N ILE B 240 21.66 11.71 9.57
CA ILE B 240 21.87 13.06 10.08
C ILE B 240 20.98 14.12 9.41
N LYS B 241 20.67 13.92 8.12
CA LYS B 241 19.81 14.87 7.42
C LYS B 241 18.35 14.74 7.84
N GLY B 242 17.88 13.50 7.93
CA GLY B 242 16.55 13.24 8.46
C GLY B 242 16.38 13.84 9.84
N GLY B 243 17.42 13.73 10.66
CA GLY B 243 17.42 14.34 11.97
C GLY B 243 17.34 15.86 11.89
N ALA B 244 18.29 16.46 11.18
CA ALA B 244 18.35 17.91 11.05
C ALA B 244 17.03 18.50 10.56
N LEU B 245 16.45 17.88 9.54
CA LEU B 245 15.20 18.36 8.96
C LEU B 245 13.97 17.87 9.73
N ARG B 246 14.21 17.17 10.85
CA ARG B 246 13.14 16.76 11.77
C ARG B 246 12.04 15.88 11.15
N GLN B 247 12.42 14.97 10.27
CA GLN B 247 11.47 14.07 9.64
C GLN B 247 11.02 12.96 10.59
N GLU B 248 9.81 12.45 10.37
CA GLU B 248 9.32 11.31 11.12
C GLU B 248 10.16 10.07 10.85
N GLU B 249 10.24 9.66 9.58
CA GLU B 249 10.98 8.45 9.23
C GLU B 249 12.00 8.68 8.12
N VAL B 250 13.09 7.93 8.20
CA VAL B 250 14.16 7.99 7.21
C VAL B 250 14.42 6.59 6.71
N TYR B 251 14.42 6.39 5.40
CA TYR B 251 14.70 5.08 4.83
C TYR B 251 16.03 5.09 4.11
N TYR B 252 16.74 3.98 4.16
CA TYR B 252 17.97 3.82 3.42
C TYR B 252 18.22 2.35 3.11
N ASP B 253 18.56 2.06 1.86
CA ASP B 253 18.78 0.70 1.42
C ASP B 253 19.35 0.73 0.02
N SER B 254 20.15 -0.28 -0.33
CA SER B 254 20.76 -0.36 -1.65
C SER B 254 19.76 -0.03 -2.76
N SER B 255 18.67 -0.78 -2.80
CA SER B 255 17.59 -0.52 -3.74
C SER B 255 16.82 0.74 -3.36
N LEU B 256 16.48 1.55 -4.36
CA LEU B 256 15.67 2.73 -4.13
C LEU B 256 14.20 2.34 -3.96
N TRP B 257 13.70 1.54 -4.89
CA TRP B 257 12.29 1.16 -4.89
C TRP B 257 11.88 0.43 -3.62
N THR B 258 12.82 -0.33 -3.06
CA THR B 258 12.62 -0.99 -1.77
C THR B 258 12.10 0.00 -0.75
N THR B 259 12.83 1.09 -0.58
CA THR B 259 12.46 2.15 0.36
C THR B 259 10.99 2.57 0.22
N LEU B 260 10.42 2.37 -0.95
CA LEU B 260 9.06 2.84 -1.25
C LEU B 260 7.98 1.97 -0.61
N LEU B 261 8.30 0.71 -0.38
CA LEU B 261 7.33 -0.24 0.16
C LEU B 261 7.22 -0.14 1.68
N ILE B 262 8.15 0.57 2.30
CA ILE B 262 8.24 0.61 3.75
C ILE B 262 7.17 1.50 4.40
N ARG B 263 6.88 2.65 3.80
CA ARG B 263 5.85 3.53 4.33
C ARG B 263 4.52 2.78 4.35
N ASN B 264 3.72 3.03 5.37
CA ASN B 264 2.44 2.34 5.52
C ASN B 264 1.25 3.29 5.64
N PRO B 265 0.58 3.57 4.53
CA PRO B 265 -0.55 4.50 4.50
C PRO B 265 -1.68 4.05 5.42
N SER B 266 -1.94 2.75 5.46
CA SER B 266 -3.00 2.19 6.31
C SER B 266 -2.73 2.50 7.78
N ARG B 267 -1.49 2.36 8.20
CA ARG B 267 -1.12 2.69 9.58
C ARG B 267 -1.40 4.16 9.82
N LYS B 268 -1.24 4.96 8.79
CA LYS B 268 -1.40 6.40 8.93
C LYS B 268 -2.87 6.74 9.24
N ILE B 269 -3.78 6.00 8.63
CA ILE B 269 -5.21 6.23 8.82
C ILE B 269 -5.71 5.77 10.18
N LEU B 270 -5.39 4.53 10.54
CA LEU B 270 -5.82 3.96 11.82
C LEU B 270 -5.37 4.84 12.97
N GLU B 271 -4.24 5.53 12.79
CA GLU B 271 -3.72 6.41 13.81
C GLU B 271 -4.57 7.66 13.98
N PHE B 272 -5.24 8.05 12.89
CA PHE B 272 -6.10 9.23 12.93
C PHE B 272 -7.51 8.92 13.40
N LEU B 273 -8.05 7.79 12.91
CA LEU B 273 -9.42 7.39 13.24
C LEU B 273 -9.70 7.34 14.75
N TYR B 274 -8.67 7.47 15.57
CA TYR B 274 -8.85 7.42 17.02
C TYR B 274 -8.13 8.55 17.77
N SER B 275 -7.65 9.54 17.04
CA SER B 275 -7.09 10.73 17.65
C SER B 275 -8.21 11.56 18.28
N THR B 276 -9.05 12.13 17.41
CA THR B 276 -10.20 12.91 17.85
C THR B 276 -11.20 12.03 18.61
N ASN C 18 -14.26 -24.12 -5.30
CA ASN C 18 -12.92 -23.54 -5.22
C ASN C 18 -11.91 -24.32 -6.05
N GLU C 19 -12.39 -24.95 -7.12
CA GLU C 19 -11.58 -25.86 -7.93
C GLU C 19 -10.20 -25.32 -8.27
N GLU C 20 -9.22 -26.22 -8.35
CA GLU C 20 -7.99 -25.92 -9.07
C GLU C 20 -8.33 -26.21 -10.53
N PHE C 21 -7.34 -26.11 -11.42
CA PHE C 21 -7.63 -26.23 -12.84
C PHE C 21 -7.42 -27.62 -13.43
N ARG C 22 -8.45 -28.11 -14.11
CA ARG C 22 -8.35 -29.31 -14.94
C ARG C 22 -8.90 -28.97 -16.33
N PRO C 23 -8.14 -29.31 -17.38
CA PRO C 23 -8.55 -29.03 -18.76
C PRO C 23 -9.98 -29.48 -19.08
N GLU C 24 -10.48 -30.50 -18.40
CA GLU C 24 -11.82 -31.05 -18.70
C GLU C 24 -12.91 -29.99 -18.55
N MET C 25 -12.55 -28.85 -17.96
CA MET C 25 -13.51 -27.77 -17.73
C MET C 25 -13.93 -27.13 -19.05
N LEU C 26 -13.10 -27.29 -20.07
CA LEU C 26 -13.32 -26.61 -21.35
C LEU C 26 -13.80 -27.57 -22.43
N GLN C 27 -14.05 -28.81 -22.04
CA GLN C 27 -14.58 -29.80 -22.95
C GLN C 27 -16.01 -29.42 -23.32
N GLY C 28 -16.24 -29.21 -24.61
CA GLY C 28 -17.57 -28.88 -25.10
C GLY C 28 -18.05 -27.47 -24.78
N LYS C 29 -17.14 -26.63 -24.30
CA LYS C 29 -17.45 -25.22 -24.08
C LYS C 29 -17.51 -24.47 -25.41
N LYS C 30 -18.41 -23.50 -25.49
CA LYS C 30 -18.54 -22.68 -26.68
C LYS C 30 -17.76 -21.35 -26.50
N VAL C 31 -16.67 -21.21 -27.25
CA VAL C 31 -15.67 -20.18 -26.96
C VAL C 31 -15.27 -19.32 -28.15
N ILE C 32 -15.17 -18.01 -27.93
CA ILE C 32 -14.65 -17.11 -28.96
C ILE C 32 -13.27 -16.60 -28.58
N VAL C 33 -12.35 -16.66 -29.54
CA VAL C 33 -11.02 -16.10 -29.35
C VAL C 33 -10.73 -15.09 -30.44
N THR C 34 -10.66 -13.80 -30.09
CA THR C 34 -10.39 -12.76 -31.07
C THR C 34 -8.89 -12.53 -31.22
N GLY C 35 -8.50 -11.85 -32.28
CA GLY C 35 -7.10 -11.69 -32.59
C GLY C 35 -6.38 -13.01 -32.47
N ALA C 36 -7.01 -14.06 -32.98
CA ALA C 36 -6.49 -15.41 -32.82
C ALA C 36 -5.67 -15.84 -34.02
N SER C 37 -5.49 -14.94 -34.99
CA SER C 37 -4.78 -15.32 -36.21
C SER C 37 -3.31 -15.58 -35.95
N LYS C 38 -2.81 -15.12 -34.80
CA LYS C 38 -1.40 -15.31 -34.47
C LYS C 38 -1.06 -14.91 -33.03
N GLY C 39 0.21 -15.10 -32.67
CA GLY C 39 0.70 -14.73 -31.35
C GLY C 39 0.01 -15.48 -30.23
N ILE C 40 -0.37 -14.73 -29.19
CA ILE C 40 -1.00 -15.30 -28.00
C ILE C 40 -2.39 -15.84 -28.31
N GLY C 41 -3.14 -15.11 -29.12
CA GLY C 41 -4.51 -15.48 -29.45
C GLY C 41 -4.57 -16.84 -30.13
N ARG C 42 -3.64 -17.07 -31.05
CA ARG C 42 -3.51 -18.36 -31.70
C ARG C 42 -3.23 -19.45 -30.66
N GLU C 43 -2.38 -19.13 -29.69
CA GLU C 43 -2.02 -20.07 -28.63
C GLU C 43 -3.17 -20.41 -27.70
N MET C 44 -4.10 -19.49 -27.52
CA MET C 44 -5.29 -19.79 -26.72
C MET C 44 -6.21 -20.73 -27.49
N ALA C 45 -6.29 -20.55 -28.81
CA ALA C 45 -7.12 -21.41 -29.64
C ALA C 45 -6.60 -22.85 -29.64
N TYR C 46 -5.31 -23.03 -29.95
CA TYR C 46 -4.68 -24.34 -29.90
C TYR C 46 -4.87 -25.03 -28.55
N HIS C 47 -4.72 -24.29 -27.46
CA HIS C 47 -4.93 -24.85 -26.13
C HIS C 47 -6.37 -25.30 -25.97
N LEU C 48 -7.30 -24.45 -26.38
CA LEU C 48 -8.72 -24.77 -26.30
C LEU C 48 -9.03 -25.99 -27.18
N ALA C 49 -8.35 -26.09 -28.31
CA ALA C 49 -8.54 -27.21 -29.21
C ALA C 49 -8.18 -28.52 -28.53
N LYS C 50 -7.13 -28.50 -27.71
CA LYS C 50 -6.73 -29.70 -26.98
C LYS C 50 -7.79 -30.08 -25.96
N MET C 51 -8.28 -29.09 -25.23
CA MET C 51 -9.26 -29.31 -24.18
C MET C 51 -10.62 -29.73 -24.72
N GLY C 52 -10.71 -29.85 -26.05
CA GLY C 52 -11.93 -30.29 -26.70
C GLY C 52 -13.07 -29.30 -26.62
N ALA C 53 -12.81 -28.04 -26.93
CA ALA C 53 -13.87 -27.05 -26.91
C ALA C 53 -14.36 -26.73 -28.31
N HIS C 54 -15.53 -26.11 -28.39
CA HIS C 54 -15.99 -25.49 -29.62
C HIS C 54 -15.34 -24.11 -29.67
N VAL C 55 -14.68 -23.80 -30.79
CA VAL C 55 -13.93 -22.54 -30.90
C VAL C 55 -14.24 -21.77 -32.20
N VAL C 56 -14.52 -20.48 -32.07
CA VAL C 56 -14.64 -19.60 -33.23
C VAL C 56 -13.56 -18.53 -33.17
N VAL C 57 -12.56 -18.63 -34.05
CA VAL C 57 -11.46 -17.67 -34.08
C VAL C 57 -11.70 -16.60 -35.11
N THR C 58 -11.17 -15.41 -34.86
CA THR C 58 -11.34 -14.29 -35.78
C THR C 58 -10.15 -13.35 -35.76
N ALA C 59 -10.06 -12.55 -36.82
CA ALA C 59 -8.96 -11.65 -37.07
C ALA C 59 -9.15 -11.28 -38.53
N ARG C 60 -8.22 -10.54 -39.11
CA ARG C 60 -8.38 -10.12 -40.51
C ARG C 60 -7.83 -11.18 -41.47
N SER C 61 -6.77 -11.87 -41.06
CA SER C 61 -6.09 -12.82 -41.93
C SER C 61 -6.94 -14.05 -42.28
N LYS C 62 -7.66 -13.95 -43.39
CA LYS C 62 -8.36 -15.08 -43.96
C LYS C 62 -7.46 -16.32 -43.94
N GLU C 63 -6.47 -16.36 -44.83
CA GLU C 63 -5.68 -17.58 -45.05
C GLU C 63 -4.95 -18.10 -43.82
N THR C 64 -4.59 -17.21 -42.90
CA THR C 64 -3.89 -17.63 -41.68
C THR C 64 -4.86 -18.26 -40.72
N LEU C 65 -6.07 -17.72 -40.66
CA LEU C 65 -7.12 -18.24 -39.80
C LEU C 65 -7.45 -19.70 -40.16
N GLN C 66 -7.60 -19.96 -41.46
CA GLN C 66 -7.88 -21.30 -41.93
C GLN C 66 -6.82 -22.28 -41.42
N LYS C 67 -5.56 -21.84 -41.45
CA LYS C 67 -4.48 -22.66 -40.91
C LYS C 67 -4.67 -22.91 -39.41
N VAL C 68 -5.09 -21.87 -38.69
CA VAL C 68 -5.34 -22.02 -37.27
C VAL C 68 -6.45 -23.03 -37.02
N VAL C 69 -7.56 -22.87 -37.73
CA VAL C 69 -8.70 -23.75 -37.64
C VAL C 69 -8.30 -25.18 -37.99
N SER C 70 -7.57 -25.35 -39.08
CA SER C 70 -7.16 -26.67 -39.54
C SER C 70 -6.22 -27.37 -38.56
N HIS C 71 -5.57 -26.60 -37.69
CA HIS C 71 -4.76 -27.24 -36.66
C HIS C 71 -5.56 -27.49 -35.38
N CYS C 72 -6.64 -26.73 -35.20
CA CYS C 72 -7.51 -26.93 -34.04
C CYS C 72 -8.24 -28.27 -34.13
N LEU C 73 -8.78 -28.57 -35.31
CA LEU C 73 -9.46 -29.83 -35.55
C LEU C 73 -8.51 -30.99 -35.30
N GLU C 74 -7.32 -30.88 -35.86
CA GLU C 74 -6.27 -31.89 -35.71
C GLU C 74 -5.81 -32.03 -34.27
N LEU C 75 -6.02 -30.99 -33.46
CA LEU C 75 -5.64 -31.03 -32.04
C LEU C 75 -6.71 -31.66 -31.15
N GLY C 76 -7.94 -31.72 -31.66
CA GLY C 76 -9.02 -32.37 -30.93
C GLY C 76 -10.19 -31.48 -30.57
N ALA C 77 -10.29 -30.31 -31.19
CA ALA C 77 -11.37 -29.38 -30.90
C ALA C 77 -12.73 -30.02 -31.16
N ALA C 78 -13.70 -29.75 -30.29
CA ALA C 78 -15.07 -30.18 -30.51
C ALA C 78 -15.44 -29.75 -31.93
N SER C 79 -15.45 -28.44 -32.15
CA SER C 79 -15.49 -27.89 -33.51
C SER C 79 -14.59 -26.66 -33.63
N ALA C 80 -14.51 -26.09 -34.82
CA ALA C 80 -13.65 -24.96 -35.06
C ALA C 80 -14.02 -24.21 -36.35
N HIS C 81 -14.16 -22.89 -36.26
CA HIS C 81 -14.46 -22.08 -37.42
C HIS C 81 -13.81 -20.71 -37.30
N TYR C 82 -13.55 -20.08 -38.44
CA TYR C 82 -13.08 -18.72 -38.43
C TYR C 82 -14.04 -17.83 -39.20
N ILE C 83 -14.11 -16.58 -38.76
CA ILE C 83 -14.77 -15.53 -39.52
C ILE C 83 -13.77 -14.39 -39.59
N ALA C 84 -13.50 -13.90 -40.80
CA ALA C 84 -12.47 -12.88 -40.97
C ALA C 84 -13.07 -11.49 -41.06
N GLY C 85 -12.36 -10.51 -40.50
CA GLY C 85 -12.80 -9.14 -40.56
C GLY C 85 -11.94 -8.23 -39.70
N THR C 86 -12.24 -6.93 -39.75
CA THR C 86 -11.50 -5.95 -38.97
C THR C 86 -12.40 -5.36 -37.89
N MET C 87 -11.87 -5.28 -36.67
CA MET C 87 -12.66 -4.83 -35.54
C MET C 87 -12.80 -3.31 -35.48
N GLU C 88 -12.23 -2.61 -36.46
CA GLU C 88 -12.46 -1.18 -36.62
C GLU C 88 -13.91 -1.00 -37.04
N ASP C 89 -14.43 -2.04 -37.68
CA ASP C 89 -15.79 -2.06 -38.20
C ASP C 89 -16.75 -2.53 -37.11
N MET C 90 -17.37 -1.59 -36.41
CA MET C 90 -18.27 -1.92 -35.31
C MET C 90 -19.41 -2.82 -35.79
N THR C 91 -19.82 -2.66 -37.04
CA THR C 91 -20.89 -3.50 -37.57
C THR C 91 -20.40 -4.93 -37.79
N PHE C 92 -19.16 -5.07 -38.29
CA PHE C 92 -18.58 -6.40 -38.37
C PHE C 92 -18.61 -7.06 -37.01
N ALA C 93 -18.32 -6.28 -35.98
CA ALA C 93 -18.27 -6.78 -34.61
C ALA C 93 -19.59 -7.38 -34.16
N GLU C 94 -20.68 -6.62 -34.29
CA GLU C 94 -22.01 -7.12 -33.94
C GLU C 94 -22.29 -8.45 -34.65
N GLN C 95 -22.16 -8.42 -35.98
CA GLN C 95 -22.47 -9.57 -36.80
C GLN C 95 -21.61 -10.77 -36.46
N PHE C 96 -20.33 -10.55 -36.19
CA PHE C 96 -19.43 -11.66 -35.91
C PHE C 96 -19.91 -12.54 -34.78
N VAL C 97 -20.50 -11.92 -33.76
CA VAL C 97 -20.94 -12.68 -32.59
C VAL C 97 -22.21 -13.47 -32.88
N ALA C 98 -23.10 -12.90 -33.70
CA ALA C 98 -24.28 -13.63 -34.15
C ALA C 98 -23.86 -14.90 -34.89
N GLN C 99 -23.10 -14.72 -35.97
CA GLN C 99 -22.62 -15.87 -36.73
C GLN C 99 -21.93 -16.90 -35.82
N ALA C 100 -21.16 -16.41 -34.85
CA ALA C 100 -20.40 -17.30 -33.98
C ALA C 100 -21.30 -18.10 -33.05
N GLY C 101 -22.41 -17.49 -32.65
CA GLY C 101 -23.35 -18.14 -31.76
C GLY C 101 -24.14 -19.22 -32.48
N LYS C 102 -24.36 -19.03 -33.77
CA LYS C 102 -25.08 -20.00 -34.57
C LYS C 102 -24.19 -21.20 -34.87
N LEU C 103 -22.94 -20.94 -35.23
CA LEU C 103 -21.99 -21.98 -35.62
C LEU C 103 -21.73 -22.97 -34.48
N MET C 104 -22.17 -22.61 -33.28
CA MET C 104 -21.85 -23.37 -32.09
C MET C 104 -23.09 -23.72 -31.31
N GLY C 105 -24.19 -23.08 -31.65
CA GLY C 105 -25.38 -23.19 -30.83
C GLY C 105 -25.08 -22.70 -29.43
N GLY C 106 -24.39 -21.57 -29.34
CA GLY C 106 -24.17 -20.91 -28.08
C GLY C 106 -22.79 -20.34 -27.84
N LEU C 107 -22.61 -19.72 -26.69
CA LEU C 107 -21.33 -19.18 -26.26
C LEU C 107 -21.21 -19.28 -24.73
N ASP C 108 -20.11 -19.84 -24.25
CA ASP C 108 -19.85 -19.92 -22.81
C ASP C 108 -18.74 -18.97 -22.39
N MET C 109 -17.80 -18.71 -23.28
CA MET C 109 -16.65 -17.87 -22.96
C MET C 109 -16.29 -16.94 -24.11
N LEU C 110 -16.20 -15.65 -23.80
CA LEU C 110 -15.80 -14.65 -24.78
C LEU C 110 -14.44 -14.11 -24.42
N ILE C 111 -13.43 -14.48 -25.20
CA ILE C 111 -12.07 -14.01 -24.96
C ILE C 111 -11.69 -12.87 -25.93
N LEU C 112 -11.69 -11.64 -25.40
CA LEU C 112 -11.35 -10.44 -26.17
C LEU C 112 -9.85 -10.17 -26.09
N ASN C 113 -9.16 -10.33 -27.21
CA ASN C 113 -7.70 -10.36 -27.22
C ASN C 113 -7.04 -9.44 -28.28
N HIS C 114 -7.75 -9.18 -29.37
CA HIS C 114 -7.18 -8.45 -30.51
C HIS C 114 -6.78 -7.03 -30.15
N ILE C 115 -5.70 -6.56 -30.76
CA ILE C 115 -5.29 -5.17 -30.67
C ILE C 115 -4.94 -4.66 -32.05
N THR C 116 -4.99 -3.35 -32.22
CA THR C 116 -4.59 -2.75 -33.48
C THR C 116 -3.07 -2.56 -33.49
N ASN C 117 -2.47 -2.72 -34.67
CA ASN C 117 -1.02 -2.63 -34.80
C ASN C 117 -0.44 -1.48 -33.98
N THR C 118 0.61 -1.77 -33.22
CA THR C 118 1.28 -0.74 -32.43
C THR C 118 2.78 -0.97 -32.42
N SER C 119 3.53 0.10 -32.16
CA SER C 119 4.97 0.01 -32.04
C SER C 119 5.45 1.03 -31.02
N LEU C 120 6.72 0.96 -30.65
CA LEU C 120 7.30 1.92 -29.72
C LEU C 120 7.66 3.23 -30.43
N ASN C 121 7.03 4.31 -29.97
CA ASN C 121 7.17 5.62 -30.60
C ASN C 121 6.73 6.71 -29.64
N LEU C 122 7.49 7.80 -29.58
CA LEU C 122 7.10 8.94 -28.77
C LEU C 122 5.81 9.52 -29.31
N PHE C 123 4.98 10.09 -28.44
CA PHE C 123 3.77 10.74 -28.90
C PHE C 123 4.03 12.18 -29.36
N HIS C 124 3.93 12.41 -30.65
CA HIS C 124 4.07 13.76 -31.17
C HIS C 124 2.69 14.38 -31.35
N ASP C 125 1.98 13.95 -32.39
CA ASP C 125 0.63 14.44 -32.62
C ASP C 125 -0.21 13.41 -33.38
N ASP C 126 0.01 12.14 -33.09
CA ASP C 126 -0.68 11.07 -33.81
C ASP C 126 -2.06 10.80 -33.21
N ILE C 127 -2.92 11.82 -33.23
CA ILE C 127 -4.30 11.71 -32.76
C ILE C 127 -5.04 10.59 -33.48
N HIS C 128 -4.53 10.18 -34.63
CA HIS C 128 -5.15 9.13 -35.41
C HIS C 128 -4.88 7.79 -34.74
N HIS C 129 -3.62 7.57 -34.37
CA HIS C 129 -3.23 6.34 -33.71
C HIS C 129 -3.87 6.25 -32.33
N VAL C 130 -4.27 7.38 -31.76
CA VAL C 130 -4.97 7.36 -30.49
C VAL C 130 -6.45 7.03 -30.69
N ARG C 131 -7.03 7.52 -31.78
CA ARG C 131 -8.45 7.23 -32.06
C ARG C 131 -8.60 5.77 -32.46
N LYS C 132 -7.73 5.33 -33.38
CA LYS C 132 -7.76 3.94 -33.82
C LYS C 132 -7.60 3.01 -32.61
N SER C 133 -6.50 3.19 -31.88
CA SER C 133 -6.24 2.38 -30.70
C SER C 133 -7.45 2.31 -29.78
N MET C 134 -8.09 3.44 -29.52
CA MET C 134 -9.26 3.41 -28.67
C MET C 134 -10.42 2.63 -29.32
N GLU C 135 -10.59 2.79 -30.63
CA GLU C 135 -11.67 2.16 -31.37
C GLU C 135 -11.56 0.64 -31.35
N VAL C 136 -10.40 0.14 -31.78
CA VAL C 136 -10.13 -1.28 -31.94
C VAL C 136 -9.78 -1.98 -30.64
N ASN C 137 -9.05 -1.29 -29.76
CA ASN C 137 -8.58 -1.88 -28.52
C ASN C 137 -9.59 -1.78 -27.40
N PHE C 138 -10.51 -0.82 -27.47
CA PHE C 138 -11.46 -0.68 -26.39
C PHE C 138 -12.91 -0.76 -26.80
N LEU C 139 -13.28 -0.06 -27.87
CA LEU C 139 -14.69 0.00 -28.26
C LEU C 139 -15.20 -1.31 -28.86
N SER C 140 -14.38 -1.98 -29.65
CA SER C 140 -14.79 -3.24 -30.22
C SER C 140 -15.10 -4.23 -29.09
N TYR C 141 -14.28 -4.26 -28.04
CA TYR C 141 -14.53 -5.12 -26.88
C TYR C 141 -15.91 -4.90 -26.28
N VAL C 142 -16.32 -3.64 -26.15
CA VAL C 142 -17.62 -3.33 -25.59
C VAL C 142 -18.76 -3.83 -26.49
N VAL C 143 -18.61 -3.59 -27.79
CA VAL C 143 -19.64 -3.92 -28.76
C VAL C 143 -19.83 -5.43 -28.87
N LEU C 144 -18.72 -6.16 -28.86
CA LEU C 144 -18.76 -7.62 -28.79
C LEU C 144 -19.49 -8.03 -27.53
N THR C 145 -19.12 -7.43 -26.40
CA THR C 145 -19.76 -7.74 -25.12
C THR C 145 -21.27 -7.52 -25.18
N VAL C 146 -21.71 -6.39 -25.71
CA VAL C 146 -23.15 -6.13 -25.84
C VAL C 146 -23.82 -7.21 -26.69
N ALA C 147 -23.08 -7.72 -27.69
CA ALA C 147 -23.62 -8.68 -28.63
C ALA C 147 -23.63 -10.11 -28.08
N ALA C 148 -22.79 -10.34 -27.10
CA ALA C 148 -22.56 -11.69 -26.58
C ALA C 148 -23.30 -11.94 -25.27
N LEU C 149 -23.85 -10.89 -24.68
CA LEU C 149 -24.40 -10.97 -23.33
C LEU C 149 -25.57 -11.93 -23.18
N PRO C 150 -26.63 -11.77 -24.00
CA PRO C 150 -27.78 -12.69 -23.89
C PRO C 150 -27.33 -14.16 -23.75
N MET C 151 -26.53 -14.62 -24.70
CA MET C 151 -26.03 -15.99 -24.72
C MET C 151 -25.21 -16.32 -23.47
N LEU C 152 -24.31 -15.40 -23.11
CA LEU C 152 -23.44 -15.55 -21.96
C LEU C 152 -24.25 -15.54 -20.66
N LYS C 153 -25.47 -15.02 -20.73
CA LYS C 153 -26.39 -15.12 -19.61
C LYS C 153 -27.05 -16.50 -19.60
N GLN C 154 -27.50 -16.93 -20.77
CA GLN C 154 -28.07 -18.28 -20.91
C GLN C 154 -27.16 -19.32 -20.27
N SER C 155 -25.85 -19.19 -20.50
CA SER C 155 -24.90 -20.21 -20.05
C SER C 155 -24.12 -19.84 -18.80
N ASN C 156 -24.52 -18.75 -18.12
CA ASN C 156 -23.76 -18.25 -16.98
C ASN C 156 -22.28 -18.19 -17.34
N GLY C 157 -21.98 -17.40 -18.36
CA GLY C 157 -20.69 -17.48 -19.04
C GLY C 157 -19.56 -16.63 -18.50
N SER C 158 -18.47 -16.60 -19.26
CA SER C 158 -17.27 -15.87 -18.89
C SER C 158 -16.87 -14.88 -19.98
N ILE C 159 -16.20 -13.81 -19.55
CA ILE C 159 -15.64 -12.81 -20.45
C ILE C 159 -14.21 -12.55 -20.05
N VAL C 160 -13.27 -12.85 -20.94
CA VAL C 160 -11.85 -12.62 -20.63
C VAL C 160 -11.27 -11.45 -21.45
N VAL C 161 -10.70 -10.47 -20.76
CA VAL C 161 -10.12 -9.30 -21.40
C VAL C 161 -8.61 -9.30 -21.28
N VAL C 162 -7.90 -9.46 -22.39
CA VAL C 162 -6.44 -9.47 -22.36
C VAL C 162 -5.85 -8.05 -22.31
N SER C 163 -5.25 -7.71 -21.17
CA SER C 163 -4.65 -6.40 -20.96
C SER C 163 -3.13 -6.48 -20.83
N SER C 164 -2.52 -5.46 -20.25
CA SER C 164 -1.05 -5.36 -20.23
C SER C 164 -0.53 -4.62 -19.01
N LEU C 165 0.79 -4.62 -18.82
CA LEU C 165 1.39 -3.82 -17.76
C LEU C 165 1.04 -2.37 -18.00
N ALA C 166 1.18 -1.95 -19.25
CA ALA C 166 0.87 -0.58 -19.63
C ALA C 166 -0.61 -0.23 -19.43
N GLY C 167 -1.40 -1.21 -18.99
CA GLY C 167 -2.80 -0.98 -18.71
C GLY C 167 -3.01 -0.77 -17.22
N LYS C 168 -1.92 -0.83 -16.48
CA LYS C 168 -1.93 -0.66 -15.04
C LYS C 168 -0.96 0.45 -14.60
N VAL C 169 0.17 0.55 -15.30
CA VAL C 169 1.18 1.57 -15.00
C VAL C 169 1.52 2.44 -16.22
N ALA C 170 2.19 3.56 -15.99
CA ALA C 170 2.49 4.52 -17.06
C ALA C 170 3.89 4.37 -17.65
N TYR C 171 3.96 4.05 -18.94
CA TYR C 171 5.23 3.96 -19.64
C TYR C 171 5.30 4.93 -20.80
N PRO C 172 6.52 5.35 -21.18
CA PRO C 172 6.74 6.20 -22.35
C PRO C 172 6.90 5.35 -23.60
N MET C 173 6.58 5.91 -24.76
CA MET C 173 6.68 5.21 -26.04
C MET C 173 5.38 4.49 -26.44
N VAL C 174 4.42 4.40 -25.51
CA VAL C 174 3.17 3.68 -25.76
C VAL C 174 1.94 4.38 -25.19
N ALA C 175 1.77 5.66 -25.52
CA ALA C 175 0.67 6.44 -24.96
C ALA C 175 -0.72 5.95 -25.41
N ALA C 176 -0.95 5.91 -26.72
CA ALA C 176 -2.24 5.48 -27.25
C ALA C 176 -2.65 4.11 -26.70
N TYR C 177 -1.81 3.11 -26.97
CA TYR C 177 -1.97 1.75 -26.44
C TYR C 177 -2.34 1.75 -24.94
N SER C 178 -1.63 2.56 -24.17
CA SER C 178 -1.86 2.66 -22.73
C SER C 178 -3.24 3.23 -22.43
N ALA C 179 -3.64 4.24 -23.19
CA ALA C 179 -4.94 4.88 -23.04
C ALA C 179 -6.07 3.88 -23.24
N SER C 180 -5.89 2.97 -24.18
CA SER C 180 -6.95 1.99 -24.47
C SER C 180 -6.98 0.86 -23.45
N LYS C 181 -5.81 0.34 -23.09
CA LYS C 181 -5.74 -0.69 -22.07
C LYS C 181 -6.25 -0.18 -20.71
N PHE C 182 -5.94 1.08 -20.39
CA PHE C 182 -6.48 1.68 -19.17
C PHE C 182 -8.00 1.79 -19.26
N ALA C 183 -8.51 1.97 -20.48
CA ALA C 183 -9.96 2.03 -20.68
C ALA C 183 -10.61 0.68 -20.41
N LEU C 184 -10.03 -0.39 -20.95
CA LEU C 184 -10.52 -1.75 -20.70
C LEU C 184 -10.81 -1.95 -19.21
N ASP C 185 -9.81 -1.66 -18.39
CA ASP C 185 -9.89 -1.82 -16.94
C ASP C 185 -11.02 -0.99 -16.34
N GLY C 186 -11.05 0.31 -16.62
CA GLY C 186 -12.10 1.16 -16.13
C GLY C 186 -13.49 0.63 -16.45
N PHE C 187 -13.74 0.31 -17.71
CA PHE C 187 -15.07 -0.11 -18.13
C PHE C 187 -15.45 -1.51 -17.64
N PHE C 188 -14.56 -2.47 -17.82
CA PHE C 188 -14.90 -3.85 -17.46
C PHE C 188 -14.95 -4.10 -15.95
N SER C 189 -14.05 -3.49 -15.20
CA SER C 189 -14.09 -3.55 -13.73
C SER C 189 -15.35 -2.87 -13.19
N SER C 190 -15.86 -1.91 -13.94
CA SER C 190 -17.05 -1.19 -13.52
C SER C 190 -18.27 -2.06 -13.71
N ILE C 191 -18.37 -2.69 -14.88
CA ILE C 191 -19.50 -3.57 -15.15
C ILE C 191 -19.41 -4.85 -14.32
N ARG C 192 -18.19 -5.26 -13.98
CA ARG C 192 -18.02 -6.42 -13.10
C ARG C 192 -18.75 -6.17 -11.77
N LYS C 193 -18.55 -4.97 -11.22
CA LYS C 193 -19.26 -4.56 -10.01
C LYS C 193 -20.78 -4.49 -10.28
N GLU C 194 -21.15 -4.11 -11.50
CA GLU C 194 -22.56 -3.98 -11.84
C GLU C 194 -23.23 -5.34 -11.81
N TYR C 195 -22.49 -6.37 -12.22
CA TYR C 195 -23.01 -7.73 -12.21
C TYR C 195 -23.09 -8.27 -10.79
N SER C 196 -22.21 -7.79 -9.92
CA SER C 196 -22.17 -8.23 -8.53
C SER C 196 -23.38 -7.76 -7.74
N VAL C 197 -24.18 -6.87 -8.33
CA VAL C 197 -25.37 -6.36 -7.67
C VAL C 197 -26.64 -6.66 -8.46
N SER C 198 -26.61 -6.46 -9.77
CA SER C 198 -27.75 -6.76 -10.61
C SER C 198 -27.91 -8.26 -10.77
N ARG C 199 -27.02 -9.02 -10.11
CA ARG C 199 -27.03 -10.48 -10.15
C ARG C 199 -27.09 -11.05 -11.56
N VAL C 200 -25.99 -10.92 -12.30
CA VAL C 200 -25.83 -11.63 -13.57
C VAL C 200 -24.56 -12.46 -13.51
N ASN C 201 -24.71 -13.78 -13.67
CA ASN C 201 -23.62 -14.72 -13.41
C ASN C 201 -22.57 -14.80 -14.53
N VAL C 202 -22.26 -13.66 -15.13
CA VAL C 202 -21.21 -13.58 -16.15
C VAL C 202 -19.92 -13.06 -15.53
N SER C 203 -18.91 -13.92 -15.46
CA SER C 203 -17.64 -13.55 -14.85
C SER C 203 -16.82 -12.68 -15.77
N ILE C 204 -16.03 -11.78 -15.18
CA ILE C 204 -15.14 -10.90 -15.94
C ILE C 204 -13.70 -11.00 -15.46
N THR C 205 -12.81 -11.38 -16.37
CA THR C 205 -11.41 -11.62 -16.03
C THR C 205 -10.48 -10.68 -16.80
N LEU C 206 -9.89 -9.72 -16.10
CA LEU C 206 -8.87 -8.86 -16.70
C LEU C 206 -7.47 -9.44 -16.53
N CYS C 207 -6.77 -9.63 -17.64
CA CYS C 207 -5.41 -10.18 -17.62
C CYS C 207 -4.36 -9.10 -17.80
N VAL C 208 -3.43 -9.00 -16.85
CA VAL C 208 -2.33 -8.06 -16.95
C VAL C 208 -1.06 -8.80 -17.34
N LEU C 209 -0.67 -8.69 -18.62
CA LEU C 209 0.50 -9.38 -19.12
C LEU C 209 1.74 -8.50 -19.19
N GLY C 210 2.90 -9.11 -18.92
CA GLY C 210 4.16 -8.45 -19.14
C GLY C 210 4.62 -8.83 -20.54
N LEU C 211 5.88 -8.55 -20.85
CA LEU C 211 6.41 -8.90 -22.16
C LEU C 211 6.19 -10.38 -22.45
N ILE C 212 5.64 -10.67 -23.63
CA ILE C 212 5.43 -12.03 -24.09
C ILE C 212 6.11 -12.24 -25.44
N ASP C 213 6.78 -13.38 -25.62
CA ASP C 213 7.69 -13.56 -26.76
C ASP C 213 7.02 -13.77 -28.13
N THR C 214 5.94 -13.04 -28.39
CA THR C 214 5.29 -13.06 -29.69
C THR C 214 6.13 -12.30 -30.71
N GLU C 215 6.09 -12.73 -31.97
CA GLU C 215 6.88 -12.09 -33.02
C GLU C 215 6.60 -10.59 -33.07
N THR C 216 5.36 -10.21 -32.79
CA THR C 216 4.95 -8.82 -32.87
C THR C 216 5.62 -7.95 -31.80
N ALA C 217 5.75 -8.49 -30.58
CA ALA C 217 6.39 -7.76 -29.50
C ALA C 217 7.93 -7.91 -29.50
N MET C 218 8.41 -9.00 -30.07
CA MET C 218 9.84 -9.31 -30.04
C MET C 218 10.63 -8.64 -31.15
N LYS C 219 9.92 -7.98 -32.06
CA LYS C 219 10.56 -7.25 -33.14
C LYS C 219 10.29 -5.76 -32.97
N ALA C 220 9.44 -5.44 -32.01
CA ALA C 220 9.07 -4.07 -31.71
C ALA C 220 9.88 -3.54 -30.52
N VAL C 221 10.32 -4.46 -29.66
CA VAL C 221 11.09 -4.08 -28.48
C VAL C 221 12.54 -4.55 -28.56
N SER C 222 13.05 -4.69 -29.79
CA SER C 222 14.44 -5.06 -29.99
C SER C 222 15.35 -3.83 -29.89
N GLY C 223 14.76 -2.68 -29.58
CA GLY C 223 15.49 -1.43 -29.50
C GLY C 223 15.36 -0.69 -28.18
N ILE C 224 14.80 -1.34 -27.16
CA ILE C 224 14.70 -0.76 -25.84
C ILE C 224 15.33 -1.67 -24.78
N ALA C 229 11.48 -11.93 -22.08
CA ALA C 229 10.07 -12.14 -22.39
C ALA C 229 9.55 -13.49 -21.88
N ALA C 230 8.24 -13.57 -21.67
CA ALA C 230 7.61 -14.79 -21.20
C ALA C 230 7.03 -15.60 -22.35
N PRO C 231 7.10 -16.94 -22.25
CA PRO C 231 6.61 -17.85 -23.28
C PRO C 231 5.12 -17.66 -23.57
N LYS C 232 4.78 -17.52 -24.85
CA LYS C 232 3.39 -17.28 -25.26
C LYS C 232 2.46 -18.45 -24.94
N GLU C 233 2.94 -19.68 -25.11
CA GLU C 233 2.10 -20.86 -24.87
C GLU C 233 1.61 -20.94 -23.43
N GLU C 234 2.53 -20.92 -22.47
CA GLU C 234 2.12 -20.95 -21.08
C GLU C 234 1.21 -19.75 -20.78
N CYS C 235 1.46 -18.65 -21.49
CA CYS C 235 0.71 -17.41 -21.30
C CYS C 235 -0.73 -17.57 -21.75
N ALA C 236 -0.92 -18.14 -22.93
CA ALA C 236 -2.25 -18.44 -23.43
C ALA C 236 -2.97 -19.38 -22.45
N LEU C 237 -2.26 -20.40 -21.99
CA LEU C 237 -2.84 -21.33 -21.03
C LEU C 237 -3.22 -20.64 -19.73
N GLU C 238 -2.30 -19.84 -19.21
CA GLU C 238 -2.54 -19.15 -17.95
C GLU C 238 -3.76 -18.22 -18.05
N ILE C 239 -4.00 -17.71 -19.25
CA ILE C 239 -5.18 -16.87 -19.49
C ILE C 239 -6.48 -17.68 -19.54
N ILE C 240 -6.45 -18.79 -20.26
CA ILE C 240 -7.60 -19.71 -20.25
C ILE C 240 -7.92 -20.17 -18.82
N LYS C 241 -6.88 -20.46 -18.04
CA LYS C 241 -7.06 -20.87 -16.65
C LYS C 241 -7.86 -19.86 -15.84
N GLY C 242 -7.44 -18.61 -15.90
CA GLY C 242 -8.07 -17.56 -15.13
C GLY C 242 -9.53 -17.41 -15.48
N GLY C 243 -9.84 -17.43 -16.76
CA GLY C 243 -11.21 -17.30 -17.23
C GLY C 243 -12.05 -18.50 -16.83
N ALA C 244 -11.48 -19.70 -16.90
CA ALA C 244 -12.17 -20.90 -16.47
C ALA C 244 -12.51 -20.82 -14.99
N LEU C 245 -11.52 -20.45 -14.18
CA LEU C 245 -11.72 -20.34 -12.74
C LEU C 245 -12.64 -19.18 -12.40
N ARG C 246 -12.69 -18.20 -13.30
CA ARG C 246 -13.52 -17.00 -13.12
C ARG C 246 -12.87 -16.03 -12.12
N GLN C 247 -11.54 -15.99 -12.16
CA GLN C 247 -10.79 -15.01 -11.39
C GLN C 247 -10.96 -13.61 -12.00
N GLU C 248 -10.94 -12.59 -11.17
CA GLU C 248 -11.15 -11.23 -11.65
C GLU C 248 -9.94 -10.72 -12.40
N GLU C 249 -8.75 -11.04 -11.89
CA GLU C 249 -7.53 -10.61 -12.52
C GLU C 249 -6.54 -11.75 -12.60
N VAL C 250 -5.67 -11.71 -13.60
CA VAL C 250 -4.62 -12.71 -13.77
C VAL C 250 -3.34 -12.00 -14.18
N TYR C 251 -2.22 -12.43 -13.62
CA TYR C 251 -0.96 -11.79 -13.95
C TYR C 251 0.04 -12.82 -14.45
N TYR C 252 0.77 -12.46 -15.50
CA TYR C 252 1.77 -13.36 -16.07
C TYR C 252 2.95 -12.60 -16.71
N ASP C 253 4.15 -12.83 -16.16
CA ASP C 253 5.37 -12.23 -16.69
C ASP C 253 6.58 -13.05 -16.27
N SER C 254 7.67 -12.93 -17.01
CA SER C 254 8.90 -13.67 -16.75
C SER C 254 9.42 -13.53 -15.31
N SER C 255 9.13 -12.41 -14.67
CA SER C 255 9.56 -12.20 -13.29
C SER C 255 8.42 -12.42 -12.30
N LEU C 256 8.75 -12.99 -11.14
CA LEU C 256 7.78 -13.15 -10.06
C LEU C 256 7.81 -11.93 -9.16
N TRP C 257 8.91 -11.17 -9.24
CA TRP C 257 9.01 -9.92 -8.51
C TRP C 257 8.04 -8.91 -9.09
N THR C 258 7.97 -8.88 -10.42
CA THR C 258 7.02 -8.02 -11.12
C THR C 258 5.57 -8.33 -10.73
N THR C 259 5.21 -9.61 -10.81
CA THR C 259 3.82 -10.03 -10.63
C THR C 259 3.21 -9.60 -9.29
N LEU C 260 4.03 -9.56 -8.25
CA LEU C 260 3.56 -9.18 -6.92
C LEU C 260 3.10 -7.73 -6.91
N LEU C 261 3.84 -6.89 -7.64
CA LEU C 261 3.63 -5.44 -7.63
C LEU C 261 2.48 -4.99 -8.53
N ILE C 262 1.75 -5.95 -9.08
CA ILE C 262 0.64 -5.65 -9.97
C ILE C 262 -0.65 -5.47 -9.19
N ARG C 263 -0.86 -6.32 -8.19
CA ARG C 263 -2.05 -6.25 -7.36
C ARG C 263 -2.14 -4.88 -6.69
N ASN C 264 -3.36 -4.35 -6.59
CA ASN C 264 -3.59 -3.08 -5.92
C ASN C 264 -4.62 -3.23 -4.79
N PRO C 265 -4.13 -3.45 -3.56
CA PRO C 265 -4.98 -3.66 -2.39
C PRO C 265 -5.65 -2.37 -1.89
N SER C 266 -5.01 -1.22 -2.11
CA SER C 266 -5.60 0.06 -1.72
C SER C 266 -6.79 0.41 -2.59
N ARG C 267 -6.76 -0.08 -3.83
CA ARG C 267 -7.90 0.08 -4.73
C ARG C 267 -9.08 -0.75 -4.25
N LYS C 268 -8.81 -1.94 -3.73
CA LYS C 268 -9.86 -2.79 -3.19
C LYS C 268 -10.59 -2.05 -2.07
N ILE C 269 -9.82 -1.53 -1.13
CA ILE C 269 -10.37 -0.85 0.03
C ILE C 269 -11.31 0.29 -0.36
N LEU C 270 -10.89 1.12 -1.31
CA LEU C 270 -11.71 2.24 -1.75
C LEU C 270 -12.99 1.75 -2.42
N GLU C 271 -12.85 0.83 -3.36
CA GLU C 271 -14.01 0.22 -4.00
C GLU C 271 -15.00 -0.30 -2.97
N PHE C 272 -14.48 -1.01 -1.97
CA PHE C 272 -15.33 -1.55 -0.90
C PHE C 272 -16.06 -0.45 -0.13
N LEU C 273 -15.40 0.70 0.02
CA LEU C 273 -16.02 1.85 0.67
C LEU C 273 -17.03 2.52 -0.27
N TYR C 274 -17.52 1.76 -1.24
CA TYR C 274 -18.58 2.24 -2.13
C TYR C 274 -19.94 1.82 -1.59
N SER C 275 -20.06 0.54 -1.25
CA SER C 275 -21.27 -0.04 -0.64
C SER C 275 -22.41 0.97 -0.48
N GLU D 19 7.73 24.68 -2.25
CA GLU D 19 7.18 26.02 -2.11
C GLU D 19 5.68 25.98 -1.90
N GLU D 20 5.20 26.64 -0.86
CA GLU D 20 3.77 26.80 -0.66
C GLU D 20 3.21 27.62 -1.82
N PHE D 21 1.90 27.80 -1.86
CA PHE D 21 1.25 28.46 -2.99
C PHE D 21 0.94 29.94 -2.75
N ARG D 22 1.35 30.77 -3.70
CA ARG D 22 1.10 32.21 -3.65
C ARG D 22 0.29 32.62 -4.87
N PRO D 23 -0.93 33.14 -4.65
CA PRO D 23 -1.83 33.56 -5.73
C PRO D 23 -1.17 34.44 -6.80
N GLU D 24 0.07 34.87 -6.58
CA GLU D 24 0.79 35.69 -7.56
C GLU D 24 1.49 34.85 -8.62
N MET D 25 1.58 33.54 -8.40
CA MET D 25 2.17 32.64 -9.38
C MET D 25 1.40 32.72 -10.69
N LEU D 26 0.10 33.00 -10.59
CA LEU D 26 -0.79 32.97 -11.74
C LEU D 26 -1.14 34.36 -12.24
N GLN D 27 -0.35 35.35 -11.84
CA GLN D 27 -0.59 36.73 -12.22
C GLN D 27 -0.02 37.00 -13.60
N GLY D 28 -0.91 37.33 -14.55
CA GLY D 28 -0.50 37.57 -15.92
C GLY D 28 -0.28 36.30 -16.71
N LYS D 29 -0.69 35.17 -16.13
CA LYS D 29 -0.59 33.88 -16.83
C LYS D 29 -1.75 33.73 -17.80
N LYS D 30 -1.45 33.35 -19.04
CA LYS D 30 -2.48 33.03 -20.02
C LYS D 30 -2.96 31.59 -19.84
N VAL D 31 -4.25 31.44 -19.54
CA VAL D 31 -4.85 30.17 -19.15
C VAL D 31 -6.16 29.89 -19.89
N ILE D 32 -6.26 28.67 -20.43
CA ILE D 32 -7.51 28.19 -21.01
C ILE D 32 -8.27 27.38 -19.98
N VAL D 33 -9.60 27.48 -20.01
CA VAL D 33 -10.43 26.77 -19.04
C VAL D 33 -11.68 26.21 -19.72
N THR D 34 -11.62 24.94 -20.14
CA THR D 34 -12.75 24.31 -20.82
C THR D 34 -13.86 23.92 -19.84
N GLY D 35 -15.04 23.62 -20.37
CA GLY D 35 -16.19 23.35 -19.54
C GLY D 35 -16.25 24.32 -18.38
N ALA D 36 -16.26 25.61 -18.71
CA ALA D 36 -16.12 26.67 -17.70
C ALA D 36 -17.38 27.53 -17.60
N SER D 37 -18.49 27.01 -18.10
CA SER D 37 -19.75 27.75 -18.04
C SER D 37 -20.63 27.23 -16.91
N LYS D 38 -20.10 26.31 -16.12
CA LYS D 38 -20.84 25.80 -14.96
C LYS D 38 -19.95 25.01 -14.00
N GLY D 39 -20.50 24.67 -12.84
CA GLY D 39 -19.78 23.91 -11.84
C GLY D 39 -18.31 24.26 -11.68
N ILE D 40 -17.49 23.24 -11.45
CA ILE D 40 -16.07 23.42 -11.13
C ILE D 40 -15.30 24.27 -12.14
N GLY D 41 -15.68 24.18 -13.42
CA GLY D 41 -15.00 24.91 -14.47
C GLY D 41 -15.26 26.41 -14.37
N ARG D 42 -16.49 26.74 -14.02
CA ARG D 42 -16.87 28.13 -13.77
C ARG D 42 -16.06 28.69 -12.60
N GLU D 43 -15.88 27.86 -11.56
CA GLU D 43 -15.15 28.30 -10.37
C GLU D 43 -13.65 28.49 -10.60
N MET D 44 -13.08 27.74 -11.53
CA MET D 44 -11.66 27.90 -11.84
C MET D 44 -11.39 29.21 -12.57
N ALA D 45 -12.41 29.72 -13.26
CA ALA D 45 -12.31 31.03 -13.89
C ALA D 45 -12.31 32.11 -12.81
N TYR D 46 -13.35 32.08 -11.98
CA TYR D 46 -13.50 32.99 -10.85
C TYR D 46 -12.23 33.09 -10.00
N HIS D 47 -11.45 32.02 -9.98
CA HIS D 47 -10.20 32.01 -9.23
C HIS D 47 -9.07 32.60 -10.06
N LEU D 48 -9.08 32.32 -11.35
CA LEU D 48 -8.09 32.88 -12.28
C LEU D 48 -8.40 34.35 -12.55
N ALA D 49 -9.59 34.78 -12.14
CA ALA D 49 -10.00 36.16 -12.29
C ALA D 49 -9.36 37.01 -11.19
N LYS D 50 -9.57 36.60 -9.94
CA LYS D 50 -9.03 37.32 -8.79
C LYS D 50 -7.50 37.36 -8.78
N MET D 51 -6.88 36.38 -9.42
CA MET D 51 -5.42 36.28 -9.44
C MET D 51 -4.80 37.05 -10.61
N GLY D 52 -5.65 37.76 -11.36
CA GLY D 52 -5.19 38.62 -12.44
C GLY D 52 -4.59 37.89 -13.62
N ALA D 53 -5.14 36.73 -13.95
CA ALA D 53 -4.68 35.97 -15.11
C ALA D 53 -5.52 36.32 -16.33
N HIS D 54 -4.95 36.05 -17.51
CA HIS D 54 -5.69 36.16 -18.77
C HIS D 54 -6.45 34.85 -19.01
N VAL D 55 -7.75 34.85 -18.79
CA VAL D 55 -8.56 33.65 -18.94
C VAL D 55 -9.30 33.59 -20.26
N VAL D 56 -9.19 32.48 -20.97
CA VAL D 56 -10.09 32.19 -22.08
C VAL D 56 -10.95 30.97 -21.72
N VAL D 57 -12.20 31.24 -21.36
CA VAL D 57 -13.15 30.20 -21.01
C VAL D 57 -13.84 29.65 -22.26
N THR D 58 -14.40 28.45 -22.17
CA THR D 58 -15.13 27.84 -23.29
C THR D 58 -16.19 26.84 -22.86
N ALA D 59 -17.19 26.67 -23.71
CA ALA D 59 -18.26 25.71 -23.49
C ALA D 59 -19.10 25.63 -24.76
N ARG D 60 -20.32 25.10 -24.65
CA ARG D 60 -21.27 25.14 -25.76
C ARG D 60 -22.24 26.29 -25.58
N SER D 61 -22.58 26.58 -24.33
CA SER D 61 -23.57 27.62 -24.03
C SER D 61 -22.95 29.02 -24.01
N LYS D 62 -23.12 29.74 -25.11
CA LYS D 62 -22.53 31.07 -25.27
C LYS D 62 -23.10 32.09 -24.28
N GLU D 63 -24.41 32.08 -24.11
CA GLU D 63 -25.07 33.04 -23.22
C GLU D 63 -24.48 33.02 -21.81
N THR D 64 -24.22 31.82 -21.30
CA THR D 64 -23.62 31.67 -19.97
C THR D 64 -22.12 31.95 -20.02
N LEU D 65 -21.49 31.64 -21.14
CA LEU D 65 -20.07 31.95 -21.33
C LEU D 65 -19.81 33.43 -21.07
N GLN D 66 -20.60 34.30 -21.71
CA GLN D 66 -20.45 35.74 -21.55
C GLN D 66 -20.60 36.15 -20.10
N LYS D 67 -21.70 35.71 -19.47
CA LYS D 67 -21.97 36.02 -18.08
C LYS D 67 -20.75 35.73 -17.22
N VAL D 68 -20.08 34.63 -17.53
CA VAL D 68 -18.84 34.25 -16.88
C VAL D 68 -17.73 35.25 -17.20
N VAL D 69 -17.66 35.69 -18.45
CA VAL D 69 -16.63 36.63 -18.90
C VAL D 69 -16.79 38.01 -18.26
N SER D 70 -18.03 38.49 -18.18
CA SER D 70 -18.31 39.78 -17.59
C SER D 70 -17.88 39.81 -16.12
N HIS D 71 -18.06 38.68 -15.44
CA HIS D 71 -17.73 38.59 -14.02
C HIS D 71 -16.22 38.46 -13.83
N CYS D 72 -15.56 37.78 -14.75
CA CYS D 72 -14.12 37.61 -14.69
C CYS D 72 -13.40 38.94 -14.49
N LEU D 73 -13.83 39.93 -15.25
CA LEU D 73 -13.23 41.26 -15.20
C LEU D 73 -13.41 41.88 -13.82
N GLU D 74 -14.61 41.73 -13.28
CA GLU D 74 -14.96 42.31 -11.99
C GLU D 74 -14.07 41.79 -10.87
N LEU D 75 -13.73 40.51 -10.94
CA LEU D 75 -12.86 39.91 -9.93
C LEU D 75 -11.42 40.40 -10.09
N GLY D 76 -11.14 40.99 -11.24
CA GLY D 76 -9.83 41.56 -11.51
C GLY D 76 -9.01 40.81 -12.55
N ALA D 77 -9.70 40.18 -13.50
CA ALA D 77 -9.01 39.42 -14.53
C ALA D 77 -8.36 40.34 -15.56
N ALA D 78 -7.12 40.01 -15.93
CA ALA D 78 -6.39 40.74 -16.96
C ALA D 78 -7.20 40.78 -18.25
N SER D 79 -7.41 39.62 -18.86
CA SER D 79 -8.28 39.50 -20.03
C SER D 79 -9.59 38.82 -19.64
N ALA D 80 -10.41 38.53 -20.65
CA ALA D 80 -11.67 37.84 -20.44
C ALA D 80 -12.38 37.64 -21.78
N HIS D 81 -12.28 36.42 -22.30
CA HIS D 81 -12.89 36.09 -23.58
C HIS D 81 -13.65 34.77 -23.49
N TYR D 82 -14.56 34.56 -24.43
CA TYR D 82 -15.22 33.26 -24.56
C TYR D 82 -15.28 32.85 -26.02
N ILE D 83 -15.46 31.56 -26.23
CA ILE D 83 -15.64 31.00 -27.56
C ILE D 83 -16.55 29.81 -27.38
N ALA D 84 -17.74 29.87 -27.99
CA ALA D 84 -18.67 28.75 -27.90
C ALA D 84 -18.26 27.65 -28.86
N GLY D 85 -18.59 26.41 -28.50
CA GLY D 85 -18.27 25.27 -29.34
C GLY D 85 -18.62 23.97 -28.65
N THR D 86 -18.69 22.90 -29.41
CA THR D 86 -18.93 21.57 -28.85
C THR D 86 -17.70 20.72 -29.09
N MET D 87 -17.16 20.14 -28.02
CA MET D 87 -15.95 19.33 -28.13
C MET D 87 -16.23 17.98 -28.79
N GLU D 88 -17.48 17.77 -29.17
CA GLU D 88 -17.83 16.66 -30.04
C GLU D 88 -17.14 16.95 -31.35
N ASP D 89 -17.14 18.23 -31.71
CA ASP D 89 -16.54 18.71 -32.94
C ASP D 89 -15.04 18.84 -32.73
N MET D 90 -14.30 17.83 -33.21
CA MET D 90 -12.85 17.84 -33.06
C MET D 90 -12.29 19.07 -33.76
N THR D 91 -12.73 19.29 -34.99
CA THR D 91 -12.34 20.48 -35.74
C THR D 91 -12.41 21.71 -34.83
N PHE D 92 -13.59 21.96 -34.26
CA PHE D 92 -13.70 23.06 -33.33
C PHE D 92 -12.63 23.00 -32.25
N ALA D 93 -12.52 21.85 -31.59
CA ALA D 93 -11.55 21.69 -30.51
C ALA D 93 -10.18 22.26 -30.91
N GLU D 94 -9.62 21.74 -32.00
CA GLU D 94 -8.29 22.13 -32.45
C GLU D 94 -8.17 23.62 -32.75
N GLN D 95 -9.25 24.20 -33.26
CA GLN D 95 -9.24 25.59 -33.68
C GLN D 95 -9.45 26.54 -32.51
N PHE D 96 -10.33 26.17 -31.59
CA PHE D 96 -10.57 26.98 -30.41
C PHE D 96 -9.27 27.26 -29.66
N VAL D 97 -8.26 26.44 -29.88
CA VAL D 97 -7.00 26.58 -29.16
C VAL D 97 -6.08 27.58 -29.84
N ALA D 98 -5.90 27.44 -31.14
CA ALA D 98 -5.14 28.42 -31.90
C ALA D 98 -5.73 29.82 -31.65
N GLN D 99 -7.03 29.94 -31.88
CA GLN D 99 -7.71 31.23 -31.69
C GLN D 99 -7.92 31.53 -30.22
N ALA D 100 -7.23 30.80 -29.36
CA ALA D 100 -7.14 31.15 -27.96
C ALA D 100 -5.75 31.71 -27.74
N GLY D 101 -4.77 31.08 -28.37
CA GLY D 101 -3.39 31.51 -28.31
C GLY D 101 -3.12 32.69 -29.23
N LYS D 102 -4.20 33.33 -29.66
CA LYS D 102 -4.12 34.56 -30.45
C LYS D 102 -4.68 35.71 -29.62
N LEU D 103 -5.82 35.46 -28.99
CA LEU D 103 -6.46 36.46 -28.15
C LEU D 103 -5.59 36.87 -26.96
N MET D 104 -4.75 35.96 -26.50
CA MET D 104 -3.96 36.18 -25.30
C MET D 104 -2.49 36.46 -25.57
N GLY D 105 -2.03 36.16 -26.78
CA GLY D 105 -0.65 36.36 -27.14
C GLY D 105 0.25 35.19 -26.75
N GLY D 106 -0.33 34.19 -26.09
CA GLY D 106 0.43 33.05 -25.63
C GLY D 106 -0.33 32.14 -24.67
N LEU D 107 0.35 31.12 -24.15
CA LEU D 107 -0.30 30.10 -23.34
C LEU D 107 0.64 29.48 -22.31
N ASP D 108 0.27 29.57 -21.04
CA ASP D 108 1.09 29.02 -19.96
C ASP D 108 0.40 27.83 -19.27
N MET D 109 -0.93 27.83 -19.27
CA MET D 109 -1.69 26.77 -18.62
C MET D 109 -2.90 26.32 -19.44
N LEU D 110 -3.15 25.01 -19.44
CA LEU D 110 -4.30 24.42 -20.12
C LEU D 110 -5.13 23.60 -19.13
N ILE D 111 -6.36 24.04 -18.87
CA ILE D 111 -7.20 23.33 -17.92
C ILE D 111 -8.35 22.62 -18.63
N LEU D 112 -8.17 21.31 -18.83
CA LEU D 112 -9.17 20.47 -19.49
C LEU D 112 -10.13 19.94 -18.45
N ASN D 113 -11.41 20.23 -18.62
CA ASN D 113 -12.37 20.01 -17.54
C ASN D 113 -13.76 19.53 -18.02
N HIS D 114 -14.22 20.02 -19.17
CA HIS D 114 -15.53 19.64 -19.69
C HIS D 114 -15.71 18.12 -19.75
N ILE D 115 -16.96 17.68 -19.60
CA ILE D 115 -17.35 16.29 -19.82
C ILE D 115 -18.78 16.23 -20.37
N THR D 116 -19.07 15.21 -21.18
CA THR D 116 -20.38 15.10 -21.80
C THR D 116 -21.44 14.88 -20.73
N ASN D 117 -22.65 15.36 -20.99
CA ASN D 117 -23.78 15.11 -20.10
C ASN D 117 -23.77 13.66 -19.64
N THR D 118 -24.00 13.44 -18.34
CA THR D 118 -23.98 12.08 -17.80
C THR D 118 -24.95 11.89 -16.64
N SER D 119 -25.42 10.66 -16.48
CA SER D 119 -26.18 10.27 -15.30
C SER D 119 -25.67 8.92 -14.82
N LEU D 120 -26.21 8.44 -13.71
CA LEU D 120 -25.82 7.14 -13.16
C LEU D 120 -26.73 6.04 -13.68
N ASN D 121 -26.13 5.05 -14.34
CA ASN D 121 -26.89 3.92 -14.86
C ASN D 121 -26.05 2.65 -14.97
N LEU D 122 -26.72 1.51 -14.83
CA LEU D 122 -26.11 0.23 -15.17
C LEU D 122 -25.91 0.21 -16.68
N PHE D 123 -24.76 -0.28 -17.12
CA PHE D 123 -24.50 -0.37 -18.54
C PHE D 123 -25.48 -1.33 -19.20
N HIS D 124 -26.29 -0.81 -20.10
CA HIS D 124 -27.30 -1.62 -20.77
C HIS D 124 -27.35 -1.37 -22.27
N ASP D 125 -26.33 -1.86 -22.97
CA ASP D 125 -26.22 -1.83 -24.43
C ASP D 125 -25.95 -0.45 -25.05
N ASP D 126 -25.85 0.58 -24.21
CA ASP D 126 -25.68 1.95 -24.70
C ASP D 126 -24.28 2.25 -25.21
N ILE D 127 -23.95 1.69 -26.38
CA ILE D 127 -22.66 1.93 -27.03
C ILE D 127 -22.53 3.40 -27.40
N HIS D 128 -23.66 4.04 -27.66
CA HIS D 128 -23.65 5.43 -28.07
C HIS D 128 -23.01 6.32 -27.01
N HIS D 129 -23.46 6.18 -25.77
CA HIS D 129 -22.94 7.03 -24.70
C HIS D 129 -21.52 6.66 -24.32
N VAL D 130 -21.16 5.40 -24.52
CA VAL D 130 -19.78 4.97 -24.29
C VAL D 130 -18.89 5.65 -25.32
N ARG D 131 -19.38 5.72 -26.56
CA ARG D 131 -18.68 6.37 -27.65
C ARG D 131 -18.57 7.85 -27.38
N LYS D 132 -19.72 8.47 -27.11
CA LYS D 132 -19.77 9.89 -26.81
C LYS D 132 -18.76 10.22 -25.73
N SER D 133 -18.92 9.60 -24.56
CA SER D 133 -18.05 9.84 -23.42
C SER D 133 -16.58 9.68 -23.75
N MET D 134 -16.22 8.65 -24.51
CA MET D 134 -14.82 8.51 -24.90
C MET D 134 -14.38 9.69 -25.77
N GLU D 135 -15.30 10.25 -26.55
CA GLU D 135 -14.95 11.32 -27.48
C GLU D 135 -14.88 12.71 -26.84
N VAL D 136 -15.95 13.13 -26.17
CA VAL D 136 -15.96 14.39 -25.46
C VAL D 136 -15.00 14.39 -24.28
N ASN D 137 -14.94 13.28 -23.54
CA ASN D 137 -14.22 13.22 -22.27
C ASN D 137 -12.73 12.89 -22.36
N PHE D 138 -12.32 12.23 -23.43
CA PHE D 138 -10.92 11.85 -23.55
C PHE D 138 -10.31 12.24 -24.89
N LEU D 139 -11.04 11.99 -25.98
CA LEU D 139 -10.56 12.35 -27.32
C LEU D 139 -10.35 13.85 -27.49
N SER D 140 -11.36 14.64 -27.14
CA SER D 140 -11.23 16.09 -27.25
C SER D 140 -10.01 16.54 -26.45
N TYR D 141 -9.88 16.04 -25.22
CA TYR D 141 -8.77 16.41 -24.35
C TYR D 141 -7.43 16.24 -25.03
N VAL D 142 -7.27 15.15 -25.77
CA VAL D 142 -6.03 14.91 -26.49
C VAL D 142 -5.83 15.89 -27.67
N VAL D 143 -6.94 16.39 -28.20
CA VAL D 143 -6.87 17.34 -29.32
C VAL D 143 -6.45 18.73 -28.81
N LEU D 144 -7.10 19.19 -27.74
CA LEU D 144 -6.75 20.43 -27.08
C LEU D 144 -5.28 20.44 -26.69
N THR D 145 -4.79 19.32 -26.17
CA THR D 145 -3.39 19.20 -25.77
C THR D 145 -2.44 19.27 -26.95
N VAL D 146 -2.75 18.55 -28.03
CA VAL D 146 -1.90 18.55 -29.21
C VAL D 146 -1.70 19.97 -29.76
N ALA D 147 -2.79 20.75 -29.79
CA ALA D 147 -2.78 22.06 -30.42
C ALA D 147 -2.39 23.17 -29.44
N ALA D 148 -2.04 22.78 -28.22
CA ALA D 148 -1.64 23.72 -27.19
C ALA D 148 -0.17 23.51 -26.82
N LEU D 149 0.41 22.43 -27.34
CA LEU D 149 1.77 22.04 -26.96
C LEU D 149 2.83 23.06 -27.38
N PRO D 150 2.79 23.52 -28.65
CA PRO D 150 3.73 24.55 -29.08
C PRO D 150 3.83 25.72 -28.11
N MET D 151 2.70 26.35 -27.81
CA MET D 151 2.70 27.53 -26.95
C MET D 151 3.11 27.19 -25.52
N LEU D 152 2.90 25.94 -25.12
CA LEU D 152 3.24 25.50 -23.77
C LEU D 152 4.72 25.13 -23.62
N LYS D 153 5.34 24.71 -24.71
CA LYS D 153 6.77 24.42 -24.71
C LYS D 153 7.57 25.69 -24.46
N GLN D 154 7.35 26.68 -25.32
CA GLN D 154 8.04 27.97 -25.21
C GLN D 154 7.86 28.58 -23.82
N SER D 155 6.65 28.43 -23.28
CA SER D 155 6.30 29.10 -22.03
C SER D 155 6.50 28.21 -20.80
N ASN D 156 7.21 27.10 -20.97
CA ASN D 156 7.39 26.14 -19.88
C ASN D 156 6.19 26.12 -18.95
N GLY D 157 5.00 25.93 -19.51
CA GLY D 157 3.76 25.97 -18.76
C GLY D 157 3.26 24.63 -18.27
N SER D 158 1.94 24.51 -18.18
CA SER D 158 1.31 23.36 -17.52
C SER D 158 0.10 22.81 -18.29
N ILE D 159 -0.35 21.64 -17.86
CA ILE D 159 -1.60 21.05 -18.34
C ILE D 159 -2.36 20.45 -17.16
N VAL D 160 -3.61 20.87 -16.98
CA VAL D 160 -4.41 20.39 -15.87
C VAL D 160 -5.58 19.54 -16.36
N VAL D 161 -5.48 18.23 -16.16
CA VAL D 161 -6.52 17.30 -16.57
C VAL D 161 -7.40 16.95 -15.39
N VAL D 162 -8.68 17.29 -15.48
CA VAL D 162 -9.61 16.97 -14.40
C VAL D 162 -10.15 15.54 -14.54
N SER D 163 -9.94 14.72 -13.51
CA SER D 163 -10.42 13.35 -13.49
C SER D 163 -11.21 13.06 -12.21
N SER D 164 -11.28 11.79 -11.82
CA SER D 164 -12.16 11.38 -10.72
C SER D 164 -11.76 10.06 -10.07
N LEU D 165 -12.37 9.77 -8.92
CA LEU D 165 -12.17 8.49 -8.23
C LEU D 165 -12.60 7.31 -9.10
N ALA D 166 -13.57 7.57 -9.98
CA ALA D 166 -14.09 6.55 -10.88
C ALA D 166 -13.08 6.29 -11.99
N GLY D 167 -11.97 7.04 -11.96
CA GLY D 167 -10.92 6.89 -12.95
C GLY D 167 -9.68 6.29 -12.33
N LYS D 168 -9.82 5.92 -11.06
CA LYS D 168 -8.74 5.35 -10.28
C LYS D 168 -9.13 3.98 -9.74
N VAL D 169 -10.36 3.90 -9.23
CA VAL D 169 -10.88 2.67 -8.67
C VAL D 169 -12.23 2.35 -9.33
N ALA D 170 -12.61 1.08 -9.27
CA ALA D 170 -13.81 0.62 -9.97
C ALA D 170 -15.10 0.82 -9.19
N TYR D 171 -16.00 1.61 -9.76
CA TYR D 171 -17.31 1.88 -9.16
C TYR D 171 -18.41 1.49 -10.14
N PRO D 172 -19.60 1.15 -9.61
CA PRO D 172 -20.75 0.73 -10.41
C PRO D 172 -21.58 1.93 -10.92
N MET D 173 -22.16 1.78 -12.11
CA MET D 173 -23.08 2.78 -12.67
C MET D 173 -22.38 3.96 -13.37
N VAL D 174 -21.06 3.90 -13.45
CA VAL D 174 -20.27 4.97 -14.07
C VAL D 174 -19.24 4.41 -15.04
N ALA D 175 -19.59 3.35 -15.76
CA ALA D 175 -18.62 2.59 -16.56
C ALA D 175 -18.05 3.37 -17.73
N ALA D 176 -18.91 3.82 -18.64
CA ALA D 176 -18.46 4.65 -19.76
C ALA D 176 -17.64 5.84 -19.27
N TYR D 177 -18.19 6.54 -18.28
CA TYR D 177 -17.50 7.67 -17.67
C TYR D 177 -16.15 7.23 -17.10
N SER D 178 -16.15 6.08 -16.43
CA SER D 178 -14.94 5.55 -15.81
C SER D 178 -13.88 5.23 -16.84
N ALA D 179 -14.29 4.62 -17.95
CA ALA D 179 -13.36 4.18 -18.99
C ALA D 179 -12.61 5.34 -19.64
N SER D 180 -13.27 6.47 -19.80
CA SER D 180 -12.61 7.65 -20.35
C SER D 180 -11.64 8.22 -19.31
N LYS D 181 -12.07 8.24 -18.05
CA LYS D 181 -11.24 8.77 -16.97
C LYS D 181 -10.00 7.90 -16.78
N PHE D 182 -10.16 6.58 -16.92
CA PHE D 182 -9.02 5.68 -16.88
C PHE D 182 -8.05 5.98 -18.03
N ALA D 183 -8.60 6.15 -19.23
CA ALA D 183 -7.79 6.48 -20.39
C ALA D 183 -7.04 7.79 -20.20
N LEU D 184 -7.67 8.76 -19.54
CA LEU D 184 -6.99 10.03 -19.23
C LEU D 184 -5.68 9.75 -18.49
N ASP D 185 -5.75 8.83 -17.52
CA ASP D 185 -4.61 8.47 -16.69
C ASP D 185 -3.53 7.75 -17.50
N GLY D 186 -3.93 6.72 -18.23
CA GLY D 186 -2.99 6.00 -19.09
C GLY D 186 -2.29 6.91 -20.07
N PHE D 187 -3.06 7.66 -20.85
CA PHE D 187 -2.48 8.53 -21.86
C PHE D 187 -1.53 9.58 -21.27
N PHE D 188 -2.04 10.43 -20.40
CA PHE D 188 -1.27 11.60 -19.96
C PHE D 188 -0.11 11.25 -19.02
N SER D 189 -0.28 10.21 -18.22
CA SER D 189 0.81 9.76 -17.36
C SER D 189 1.92 9.17 -18.21
N SER D 190 1.54 8.65 -19.37
CA SER D 190 2.51 8.05 -20.28
C SER D 190 3.33 9.12 -21.00
N ILE D 191 2.66 10.16 -21.49
CA ILE D 191 3.38 11.26 -22.12
C ILE D 191 4.18 12.02 -21.06
N ARG D 192 3.65 12.09 -19.84
CA ARG D 192 4.40 12.73 -18.77
C ARG D 192 5.79 12.11 -18.72
N LYS D 193 5.82 10.78 -18.70
CA LYS D 193 7.07 10.03 -18.82
C LYS D 193 7.88 10.48 -20.05
N GLU D 194 7.22 10.63 -21.19
CA GLU D 194 7.89 10.95 -22.46
C GLU D 194 8.54 12.34 -22.44
N TYR D 195 7.90 13.30 -21.80
CA TYR D 195 8.45 14.64 -21.69
C TYR D 195 9.62 14.67 -20.72
N SER D 196 9.59 13.75 -19.76
CA SER D 196 10.60 13.69 -18.73
C SER D 196 11.93 13.19 -19.31
N VAL D 197 11.86 12.54 -20.46
CA VAL D 197 13.06 11.96 -21.07
C VAL D 197 13.42 12.60 -22.41
N SER D 198 12.48 13.33 -23.00
CA SER D 198 12.79 14.11 -24.18
C SER D 198 13.11 15.53 -23.71
N ARG D 199 13.11 15.70 -22.40
CA ARG D 199 13.45 16.96 -21.74
C ARG D 199 12.51 18.10 -22.13
N VAL D 200 11.26 17.76 -22.40
CA VAL D 200 10.22 18.77 -22.56
C VAL D 200 9.83 19.27 -21.18
N ASN D 201 9.91 20.58 -20.98
CA ASN D 201 9.67 21.17 -19.66
C ASN D 201 8.23 21.62 -19.47
N VAL D 202 7.29 20.72 -19.71
CA VAL D 202 5.87 21.00 -19.49
C VAL D 202 5.36 20.10 -18.38
N SER D 203 4.69 20.68 -17.40
CA SER D 203 4.16 19.91 -16.29
C SER D 203 2.77 19.37 -16.60
N ILE D 204 2.57 18.08 -16.34
CA ILE D 204 1.25 17.47 -16.47
C ILE D 204 0.72 17.13 -15.08
N THR D 205 -0.52 17.54 -14.83
CA THR D 205 -1.11 17.45 -13.50
C THR D 205 -2.47 16.78 -13.56
N LEU D 206 -2.55 15.55 -13.05
CA LEU D 206 -3.79 14.79 -13.04
C LEU D 206 -4.53 15.01 -11.73
N CYS D 207 -5.76 15.51 -11.82
CA CYS D 207 -6.51 15.91 -10.65
C CYS D 207 -7.63 14.94 -10.30
N VAL D 208 -7.27 13.90 -9.55
CA VAL D 208 -8.22 12.89 -9.11
C VAL D 208 -9.22 13.48 -8.11
N LEU D 209 -10.40 13.85 -8.61
CA LEU D 209 -11.40 14.49 -7.78
C LEU D 209 -12.39 13.51 -7.19
N GLY D 210 -13.02 13.92 -6.10
CA GLY D 210 -14.11 13.16 -5.52
C GLY D 210 -15.41 13.84 -5.84
N LEU D 211 -16.48 13.44 -5.17
CA LEU D 211 -17.78 14.09 -5.32
C LEU D 211 -17.67 15.57 -4.99
N ILE D 212 -18.42 16.39 -5.73
CA ILE D 212 -18.38 17.84 -5.56
C ILE D 212 -19.82 18.38 -5.53
N ASP D 213 -20.03 19.49 -4.83
CA ASP D 213 -21.39 19.99 -4.62
C ASP D 213 -21.95 20.80 -5.80
N THR D 214 -21.34 20.65 -6.97
CA THR D 214 -21.83 21.31 -8.18
C THR D 214 -23.25 20.86 -8.49
N GLU D 215 -24.05 21.74 -9.09
CA GLU D 215 -25.43 21.41 -9.39
C GLU D 215 -25.54 20.14 -10.22
N THR D 216 -24.63 19.98 -11.17
CA THR D 216 -24.67 18.85 -12.09
C THR D 216 -24.47 17.50 -11.37
N ALA D 217 -23.49 17.45 -10.48
CA ALA D 217 -23.15 16.22 -9.78
C ALA D 217 -24.23 15.81 -8.79
N MET D 218 -24.89 16.81 -8.20
CA MET D 218 -25.85 16.55 -7.14
C MET D 218 -27.23 16.14 -7.67
N LYS D 219 -27.57 16.59 -8.88
CA LYS D 219 -28.85 16.28 -9.47
C LYS D 219 -28.93 14.80 -9.83
N ALA D 220 -27.80 14.25 -10.28
CA ALA D 220 -27.75 12.88 -10.77
C ALA D 220 -27.62 11.84 -9.67
N VAL D 221 -27.16 12.26 -8.49
CA VAL D 221 -26.87 11.33 -7.40
C VAL D 221 -27.86 11.41 -6.24
N SER D 222 -29.01 12.04 -6.47
CA SER D 222 -30.01 12.17 -5.41
C SER D 222 -30.56 10.82 -4.93
N GLY D 223 -31.10 10.02 -5.85
CA GLY D 223 -31.67 8.73 -5.50
C GLY D 223 -30.70 7.58 -5.64
N MET D 227 -23.32 10.37 0.59
CA MET D 227 -21.95 10.64 0.16
C MET D 227 -21.59 12.12 0.36
N GLN D 228 -20.64 12.37 1.24
CA GLN D 228 -20.21 13.73 1.55
C GLN D 228 -19.62 14.40 0.31
N ALA D 229 -20.22 15.52 -0.07
CA ALA D 229 -19.71 16.31 -1.18
C ALA D 229 -18.70 17.32 -0.66
N ALA D 230 -17.86 17.83 -1.55
CA ALA D 230 -16.83 18.80 -1.18
C ALA D 230 -16.97 20.07 -2.03
N PRO D 231 -16.78 21.24 -1.40
CA PRO D 231 -17.01 22.55 -2.03
C PRO D 231 -16.30 22.74 -3.37
N LYS D 232 -17.06 23.13 -4.39
CA LYS D 232 -16.51 23.34 -5.73
C LYS D 232 -15.44 24.44 -5.77
N GLU D 233 -15.56 25.41 -4.87
CA GLU D 233 -14.60 26.50 -4.81
C GLU D 233 -13.22 26.00 -4.37
N GLU D 234 -13.20 25.29 -3.24
CA GLU D 234 -11.95 24.74 -2.70
C GLU D 234 -11.35 23.73 -3.66
N CYS D 235 -12.18 23.17 -4.53
CA CYS D 235 -11.72 22.23 -5.54
C CYS D 235 -11.01 22.97 -6.65
N ALA D 236 -11.72 23.90 -7.30
CA ALA D 236 -11.13 24.73 -8.33
C ALA D 236 -9.80 25.26 -7.85
N LEU D 237 -9.76 25.69 -6.59
CA LEU D 237 -8.55 26.26 -6.01
C LEU D 237 -7.42 25.24 -5.95
N GLU D 238 -7.70 24.11 -5.29
CA GLU D 238 -6.71 23.04 -5.16
C GLU D 238 -6.20 22.60 -6.52
N ILE D 239 -7.10 22.56 -7.49
CA ILE D 239 -6.72 22.20 -8.85
C ILE D 239 -5.65 23.17 -9.39
N ILE D 240 -5.96 24.46 -9.38
CA ILE D 240 -5.01 25.46 -9.87
C ILE D 240 -3.68 25.42 -9.12
N LYS D 241 -3.74 25.35 -7.80
CA LYS D 241 -2.53 25.25 -6.98
C LYS D 241 -1.63 24.10 -7.44
N GLY D 242 -2.23 22.92 -7.62
CA GLY D 242 -1.49 21.74 -8.03
C GLY D 242 -0.83 21.90 -9.39
N GLY D 243 -1.51 22.60 -10.29
CA GLY D 243 -1.01 22.84 -11.63
C GLY D 243 0.16 23.80 -11.65
N ALA D 244 0.05 24.86 -10.85
CA ALA D 244 1.16 25.81 -10.73
C ALA D 244 2.37 25.10 -10.14
N LEU D 245 2.16 24.40 -9.02
CA LEU D 245 3.24 23.70 -8.32
C LEU D 245 3.82 22.56 -9.15
N ARG D 246 3.24 22.34 -10.33
CA ARG D 246 3.68 21.28 -11.24
C ARG D 246 3.67 19.90 -10.60
N GLN D 247 2.71 19.70 -9.69
CA GLN D 247 2.54 18.43 -9.00
C GLN D 247 1.99 17.37 -9.95
N GLU D 248 2.52 16.15 -9.86
CA GLU D 248 2.09 15.08 -10.76
C GLU D 248 0.63 14.68 -10.57
N GLU D 249 0.14 14.70 -9.34
CA GLU D 249 -1.24 14.35 -9.07
C GLU D 249 -1.84 15.18 -7.95
N VAL D 250 -3.13 15.49 -8.08
CA VAL D 250 -3.83 16.30 -7.09
C VAL D 250 -5.12 15.62 -6.65
N TYR D 251 -5.12 15.05 -5.45
CA TYR D 251 -6.32 14.41 -4.92
C TYR D 251 -7.10 15.43 -4.12
N TYR D 252 -8.43 15.32 -4.17
CA TYR D 252 -9.29 16.20 -3.40
C TYR D 252 -10.64 15.56 -3.17
N ASP D 253 -11.01 15.41 -1.91
CA ASP D 253 -12.30 14.84 -1.54
C ASP D 253 -12.71 15.25 -0.13
N SER D 254 -13.99 15.06 0.19
CA SER D 254 -14.51 15.37 1.52
C SER D 254 -13.85 14.52 2.60
N SER D 255 -14.06 13.20 2.54
CA SER D 255 -13.45 12.29 3.49
C SER D 255 -11.92 12.37 3.38
N LEU D 256 -11.31 12.99 4.38
CA LEU D 256 -9.86 13.20 4.40
C LEU D 256 -9.08 11.92 4.05
N TRP D 257 -9.05 10.98 5.00
CA TRP D 257 -8.17 9.81 4.91
C TRP D 257 -8.22 9.04 3.59
N THR D 258 -9.39 8.92 2.98
CA THR D 258 -9.53 8.15 1.74
C THR D 258 -8.59 8.69 0.65
N THR D 259 -8.11 9.91 0.86
CA THR D 259 -7.09 10.51 0.01
C THR D 259 -5.79 9.72 0.05
N LEU D 260 -5.43 9.25 1.24
CA LEU D 260 -4.13 8.63 1.49
C LEU D 260 -4.10 7.19 0.99
N LEU D 261 -5.19 6.75 0.39
CA LEU D 261 -5.31 5.40 -0.14
C LEU D 261 -5.08 5.37 -1.65
N ILE D 262 -5.24 6.53 -2.28
CA ILE D 262 -5.13 6.63 -3.73
C ILE D 262 -3.70 6.44 -4.22
N ARG D 263 -2.75 7.14 -3.60
CA ARG D 263 -1.35 7.00 -3.98
C ARG D 263 -0.98 5.53 -4.14
N ASN D 264 -0.10 5.23 -5.09
CA ASN D 264 0.28 3.85 -5.33
C ASN D 264 1.76 3.62 -5.56
N PRO D 265 2.48 3.20 -4.51
CA PRO D 265 3.91 2.87 -4.54
C PRO D 265 4.25 1.76 -5.55
N SER D 266 3.50 0.67 -5.50
CA SER D 266 3.69 -0.45 -6.43
C SER D 266 3.73 0.06 -7.86
N ARG D 267 2.80 0.95 -8.20
CA ARG D 267 2.78 1.55 -9.52
C ARG D 267 4.08 2.29 -9.80
N LYS D 268 4.54 3.06 -8.82
CA LYS D 268 5.77 3.83 -8.98
C LYS D 268 6.97 2.91 -9.19
N ILE D 269 7.00 1.80 -8.46
CA ILE D 269 8.11 0.87 -8.55
C ILE D 269 8.25 0.27 -9.96
N LEU D 270 7.15 -0.22 -10.52
CA LEU D 270 7.17 -0.82 -11.86
C LEU D 270 7.57 0.17 -12.95
N GLU D 271 7.23 1.45 -12.75
CA GLU D 271 7.63 2.50 -13.69
C GLU D 271 9.15 2.71 -13.68
N PHE D 272 9.75 2.53 -12.51
CA PHE D 272 11.20 2.66 -12.34
C PHE D 272 11.94 1.49 -12.97
N LEU D 273 11.35 0.32 -12.91
CA LEU D 273 12.00 -0.92 -13.36
C LEU D 273 12.19 -1.02 -14.88
N TYR D 274 11.44 -0.21 -15.63
CA TYR D 274 11.60 -0.17 -17.08
C TYR D 274 12.25 1.14 -17.52
N SER D 275 12.25 2.11 -16.61
CA SER D 275 12.80 3.43 -16.90
C SER D 275 13.15 4.16 -15.60
#